data_6Z9L
#
_entry.id   6Z9L
#
_cell.length_a   126.356
_cell.length_b   126.356
_cell.length_c   293.908
_cell.angle_alpha   90.000
_cell.angle_beta   90.000
_cell.angle_gamma   90.000
#
_symmetry.space_group_name_H-M   'P 43 2 2'
#
loop_
_entity.id
_entity.type
_entity.pdbx_description
1 polymer PrgA
2 polymer 'Poly-alanine peptide'
3 non-polymer 'SULFATE ION'
#
loop_
_entity_poly.entity_id
_entity_poly.type
_entity_poly.pdbx_seq_one_letter_code
_entity_poly.pdbx_strand_id
1 'polypeptide(L)'
;AEQAQPKTPENSSTEQPTVKATQTTEQAITEKQQQVTEKQAIVDQKQQVADTAKKEKDAIDQSVKDQQAVVDQNKDALDQ
SQQAVTDQQAVVDEAKKVVDEATPSAIEKAKEQVATDTQAVDEQQKVVDQAQTDVNQQQAVVDEKAKETNAAKVQNEKDQ
QAVTAAKQEQAKLEELAKNAEAEKVKAEKEQAAKEAELANKQKEEAKAKDQKTKDDQAVADQQTVVTTSQEKVTDAKADT
AAKQADLTAKENALKDKQAATKQAQNTLDNSKEELKGHKGINLPPKFSADYDTKLSAEEIATLEKTALEMNKNFPTSKED
EKNKDVMWDIQHLSADQKKELSVYTTELLNDVRKKLGLSQLSVSDQSIKFAWDIAKYSDTGEYMHDVIAINKAAKENGFK
EYPGMNYYENLGGGYYETENGKVSKYTLQESIRKMLVNMLFDDGRLGYSHLHSLLQDGKTALGVSLSGEKNSISPKIHII
SYGKEKLEDSSQYQNGEVASMKSKEELQQEIASNQEKLATAQQAESDAQQARSASQQALNTAKTTQATAEKELSVHKATL
ANLQAVATKSTTNYEEKVRQTATAEKSLQQTKDQLATINELIQNRAAVLEKAKTNVAEAQAIEQTSAKVLKEKQEAQKAE
ENTLNSLKEVLDLAKENLNQKQVALKTSTRSLSRLENAQPTYEKALNELNKAEAAVVQAQEAYENSMKSLEELKEQQAVA
TLAYAQAQEDLSNAKLELQQYQGVLRDLEAQQAEQRRQEALQEQVAKEQQRLEREAKQNQTLVASAT
;
A
2 'polypeptide(L)' AAAAAAAAA F,G
#
# COMPACT_ATOMS: atom_id res chain seq x y z
N ALA A 28 162.57 7.99 -148.95
CA ALA A 28 162.53 7.28 -147.67
C ALA A 28 161.59 7.98 -146.71
N ILE A 29 161.86 9.26 -146.44
CA ILE A 29 161.05 10.01 -145.50
C ILE A 29 159.79 10.57 -146.15
N THR A 30 159.77 10.67 -147.48
CA THR A 30 158.58 11.15 -148.18
C THR A 30 157.32 10.42 -147.70
N GLU A 31 157.36 9.08 -147.72
CA GLU A 31 156.21 8.30 -147.30
C GLU A 31 155.84 8.58 -145.85
N LYS A 32 156.85 8.78 -144.99
CA LYS A 32 156.57 9.07 -143.59
C LYS A 32 155.72 10.33 -143.45
N GLN A 33 156.14 11.41 -144.10
CA GLN A 33 155.33 12.63 -144.09
C GLN A 33 153.94 12.35 -144.65
N GLN A 34 153.86 11.63 -145.76
CA GLN A 34 152.57 11.25 -146.32
C GLN A 34 151.66 10.68 -145.23
N GLN A 35 152.15 9.72 -144.46
CA GLN A 35 151.36 9.10 -143.41
C GLN A 35 151.40 9.87 -142.08
N VAL A 36 151.97 11.07 -142.07
CA VAL A 36 151.69 12.04 -141.01
C VAL A 36 150.50 12.92 -141.39
N THR A 37 150.46 13.37 -142.64
CA THR A 37 149.30 14.10 -143.13
C THR A 37 148.05 13.24 -143.05
N GLU A 38 148.14 11.99 -143.53
CA GLU A 38 147.00 11.09 -143.42
C GLU A 38 146.62 10.84 -141.96
N LYS A 39 147.58 10.89 -141.05
CA LYS A 39 147.31 10.58 -139.65
C LYS A 39 146.17 11.42 -139.11
N GLN A 40 146.39 12.73 -138.96
CA GLN A 40 145.33 13.60 -138.46
C GLN A 40 144.03 13.43 -139.25
N ALA A 41 144.12 13.02 -140.53
CA ALA A 41 142.92 12.78 -141.30
C ALA A 41 142.11 11.62 -140.73
N ILE A 42 142.77 10.52 -140.39
CA ILE A 42 142.03 9.42 -139.76
C ILE A 42 141.68 9.75 -138.32
N VAL A 43 142.53 10.46 -137.59
CA VAL A 43 142.22 10.79 -136.21
C VAL A 43 140.96 11.64 -136.14
N ASP A 44 140.81 12.59 -137.06
CA ASP A 44 139.61 13.40 -137.12
C ASP A 44 138.43 12.62 -137.68
N GLN A 45 138.68 11.71 -138.63
CA GLN A 45 137.63 10.79 -139.09
C GLN A 45 137.04 10.03 -137.91
N LYS A 46 137.91 9.34 -137.16
CA LYS A 46 137.48 8.59 -135.98
C LYS A 46 136.77 9.50 -134.98
N GLN A 47 137.30 10.71 -134.78
CA GLN A 47 136.61 11.68 -133.93
C GLN A 47 135.18 11.93 -134.41
N GLN A 48 134.99 12.04 -135.72
CA GLN A 48 133.66 12.30 -136.27
C GLN A 48 132.73 11.12 -136.02
N VAL A 49 133.17 9.90 -136.40
CA VAL A 49 132.30 8.74 -136.16
C VAL A 49 132.01 8.59 -134.67
N ALA A 50 132.93 9.02 -133.80
CA ALA A 50 132.64 9.02 -132.37
C ALA A 50 131.55 10.02 -132.02
N ASP A 51 131.64 11.23 -132.57
CA ASP A 51 130.61 12.24 -132.35
C ASP A 51 129.24 11.73 -132.79
N THR A 52 129.13 11.30 -134.05
CA THR A 52 127.87 10.74 -134.54
C THR A 52 127.45 9.52 -133.74
N ALA A 53 128.41 8.81 -133.13
CA ALA A 53 128.06 7.75 -132.21
C ALA A 53 127.31 8.29 -131.00
N LYS A 54 127.83 9.36 -130.39
CA LYS A 54 127.09 10.02 -129.31
C LYS A 54 125.76 10.58 -129.80
N LYS A 55 125.64 10.90 -131.09
CA LYS A 55 124.37 11.37 -131.62
C LYS A 55 123.36 10.24 -131.71
N GLU A 56 123.77 9.07 -132.19
CA GLU A 56 122.89 7.91 -132.21
C GLU A 56 122.49 7.51 -130.80
N LYS A 57 123.47 7.41 -129.89
CA LYS A 57 123.13 7.10 -128.50
C LYS A 57 122.16 8.12 -127.92
N ASP A 58 122.36 9.40 -128.24
CA ASP A 58 121.52 10.46 -127.68
C ASP A 58 120.11 10.45 -128.29
N ALA A 59 119.97 9.96 -129.53
CA ALA A 59 118.65 9.88 -130.15
C ALA A 59 117.91 8.59 -129.84
N ILE A 60 118.63 7.54 -129.49
CA ILE A 60 118.02 6.25 -129.15
C ILE A 60 117.63 6.19 -127.68
N ASP A 61 118.53 6.64 -126.80
CA ASP A 61 118.28 6.54 -125.36
C ASP A 61 116.96 7.19 -124.95
N GLN A 62 116.63 8.33 -125.55
CA GLN A 62 115.41 9.03 -125.16
C GLN A 62 114.19 8.44 -125.84
N SER A 63 114.35 8.00 -127.10
CA SER A 63 113.20 7.53 -127.86
C SER A 63 112.73 6.16 -127.39
N VAL A 64 113.65 5.31 -126.90
CA VAL A 64 113.24 4.01 -126.37
C VAL A 64 112.38 4.18 -125.12
N LYS A 65 112.88 4.94 -124.14
CA LYS A 65 112.13 5.14 -122.90
C LYS A 65 110.86 5.94 -123.15
N ASP A 66 110.89 6.91 -124.07
CA ASP A 66 109.69 7.62 -124.46
C ASP A 66 108.64 6.66 -125.01
N GLN A 67 109.01 5.88 -126.03
CA GLN A 67 108.04 4.99 -126.68
C GLN A 67 107.52 3.92 -125.73
N GLN A 68 108.30 3.56 -124.70
CA GLN A 68 107.78 2.64 -123.69
C GLN A 68 106.81 3.35 -122.76
N ALA A 69 107.18 4.54 -122.27
CA ALA A 69 106.24 5.36 -121.50
C ALA A 69 104.88 5.41 -122.20
N VAL A 70 104.89 5.65 -123.51
CA VAL A 70 103.63 5.63 -124.26
C VAL A 70 103.14 4.21 -124.51
N VAL A 71 103.99 3.19 -124.32
CA VAL A 71 103.51 1.81 -124.35
C VAL A 71 102.53 1.57 -123.21
N ASP A 72 102.79 2.18 -122.05
CA ASP A 72 101.83 2.08 -120.96
C ASP A 72 100.72 3.12 -121.07
N GLN A 73 100.99 4.30 -121.65
CA GLN A 73 99.90 5.18 -122.04
C GLN A 73 98.84 4.40 -122.83
N ASN A 74 99.30 3.55 -123.76
CA ASN A 74 98.40 2.69 -124.52
C ASN A 74 97.52 1.86 -123.59
N LYS A 75 98.14 1.13 -122.66
CA LYS A 75 97.37 0.31 -121.73
C LYS A 75 96.31 1.13 -121.01
N ASP A 76 96.68 2.34 -120.56
CA ASP A 76 95.68 3.24 -119.99
C ASP A 76 94.48 3.35 -120.93
N ALA A 77 94.72 3.90 -122.13
CA ALA A 77 93.61 4.09 -123.07
C ALA A 77 92.96 2.79 -123.52
N LEU A 78 93.51 1.64 -123.12
CA LEU A 78 93.00 0.33 -123.53
C LEU A 78 92.01 -0.21 -122.49
N ASP A 79 92.47 -0.36 -121.24
CA ASP A 79 91.55 -0.73 -120.17
C ASP A 79 90.40 0.26 -120.08
N GLN A 80 90.67 1.56 -120.30
CA GLN A 80 89.59 2.53 -120.32
C GLN A 80 88.56 2.19 -121.39
N SER A 81 89.02 1.68 -122.55
CA SER A 81 88.09 1.24 -123.59
C SER A 81 87.24 0.07 -123.08
N GLN A 82 87.90 -0.97 -122.54
CA GLN A 82 87.16 -2.09 -121.98
C GLN A 82 86.05 -1.60 -121.05
N GLN A 83 86.36 -0.63 -120.18
CA GLN A 83 85.33 -0.06 -119.32
C GLN A 83 84.25 0.63 -120.16
N ALA A 84 84.66 1.32 -121.22
CA ALA A 84 83.69 2.09 -122.02
C ALA A 84 82.68 1.19 -122.71
N VAL A 85 83.05 -0.04 -123.04
CA VAL A 85 82.10 -0.97 -123.65
C VAL A 85 81.34 -1.77 -122.59
N THR A 86 82.03 -2.26 -121.56
CA THR A 86 81.37 -3.12 -120.57
C THR A 86 80.34 -2.32 -119.76
N ASP A 87 80.66 -1.07 -119.43
CA ASP A 87 79.67 -0.21 -118.78
C ASP A 87 78.35 -0.22 -119.56
N GLN A 88 78.45 -0.11 -120.89
CA GLN A 88 77.28 -0.23 -121.75
C GLN A 88 76.80 -1.68 -121.86
N GLN A 89 77.57 -2.65 -121.36
CA GLN A 89 77.01 -3.98 -121.18
C GLN A 89 76.05 -4.00 -120.00
N ALA A 90 76.32 -3.21 -118.96
CA ALA A 90 75.43 -3.18 -117.80
C ALA A 90 74.21 -2.27 -118.03
N VAL A 91 74.45 -0.99 -118.32
CA VAL A 91 73.35 -0.04 -118.42
C VAL A 91 72.35 -0.47 -119.49
N VAL A 92 72.82 -1.09 -120.58
CA VAL A 92 71.92 -1.59 -121.60
C VAL A 92 70.93 -2.58 -120.98
N ASP A 93 71.44 -3.54 -120.22
CA ASP A 93 70.55 -4.50 -119.57
C ASP A 93 69.62 -3.80 -118.58
N GLU A 94 70.07 -2.72 -117.95
CA GLU A 94 69.15 -1.87 -117.18
C GLU A 94 67.95 -1.46 -118.04
N ALA A 95 68.23 -0.96 -119.25
CA ALA A 95 67.15 -0.65 -120.18
C ALA A 95 66.32 -1.90 -120.47
N LYS A 96 66.94 -3.07 -120.48
CA LYS A 96 66.19 -4.31 -120.71
C LYS A 96 65.25 -4.60 -119.54
N LYS A 97 65.55 -4.09 -118.35
CA LYS A 97 64.61 -4.20 -117.26
C LYS A 97 63.48 -3.20 -117.39
N VAL A 98 63.78 -1.96 -117.80
CA VAL A 98 62.71 -0.98 -117.88
C VAL A 98 61.72 -1.31 -119.02
N VAL A 99 62.20 -1.93 -120.09
CA VAL A 99 61.32 -2.17 -121.24
C VAL A 99 60.15 -3.09 -120.88
N ASP A 100 60.28 -3.91 -119.85
CA ASP A 100 59.26 -4.89 -119.51
C ASP A 100 57.93 -4.25 -119.10
N GLU A 101 57.90 -2.94 -118.86
CA GLU A 101 56.68 -2.28 -118.40
C GLU A 101 55.57 -2.43 -119.43
N ALA A 102 54.33 -2.30 -118.95
CA ALA A 102 53.14 -2.37 -119.79
C ALA A 102 52.05 -1.53 -119.11
N THR A 103 51.95 -0.27 -119.52
CA THR A 103 51.09 0.71 -118.87
C THR A 103 50.25 1.45 -119.89
N PRO A 104 49.34 0.75 -120.58
CA PRO A 104 48.45 1.45 -121.52
C PRO A 104 47.37 2.21 -120.77
N SER A 105 46.24 1.57 -120.50
CA SER A 105 45.22 2.09 -119.60
C SER A 105 45.26 1.40 -118.25
N ALA A 106 46.26 0.56 -118.00
CA ALA A 106 46.35 -0.12 -116.71
C ALA A 106 46.54 0.87 -115.58
N ILE A 107 47.03 2.08 -115.87
CA ILE A 107 47.06 3.13 -114.85
C ILE A 107 45.67 3.33 -114.26
N GLU A 108 44.62 3.16 -115.07
CA GLU A 108 43.27 3.35 -114.56
C GLU A 108 42.86 2.20 -113.65
N LYS A 109 43.19 0.96 -114.03
CA LYS A 109 42.93 -0.17 -113.14
C LYS A 109 43.61 0.04 -111.79
N ALA A 110 44.91 0.36 -111.81
CA ALA A 110 45.64 0.56 -110.56
C ALA A 110 45.06 1.72 -109.77
N LYS A 111 44.70 2.82 -110.45
CA LYS A 111 44.06 3.94 -109.77
C LYS A 111 42.80 3.49 -109.05
N GLU A 112 41.99 2.66 -109.71
CA GLU A 112 40.78 2.15 -109.08
C GLU A 112 41.11 1.30 -107.86
N GLN A 113 42.07 0.37 -108.00
CA GLN A 113 42.50 -0.41 -106.84
C GLN A 113 42.87 0.50 -105.68
N VAL A 114 43.56 1.59 -105.95
CA VAL A 114 43.92 2.53 -104.89
C VAL A 114 42.67 3.15 -104.28
N ALA A 115 41.70 3.52 -105.13
CA ALA A 115 40.48 4.16 -104.63
C ALA A 115 39.70 3.22 -103.72
N THR A 116 39.40 2.02 -104.20
CA THR A 116 38.60 1.08 -103.42
C THR A 116 39.34 0.63 -102.17
N ASP A 117 40.66 0.43 -102.28
CA ASP A 117 41.42 -0.02 -101.13
C ASP A 117 41.52 1.06 -100.07
N THR A 118 41.72 2.33 -100.48
CA THR A 118 41.79 3.40 -99.49
C THR A 118 40.43 3.64 -98.84
N GLN A 119 39.35 3.55 -99.63
CA GLN A 119 38.02 3.61 -99.04
C GLN A 119 37.84 2.50 -98.00
N ALA A 120 38.21 1.28 -98.37
CA ALA A 120 38.09 0.15 -97.45
C ALA A 120 38.86 0.41 -96.16
N VAL A 121 40.08 0.93 -96.27
CA VAL A 121 40.88 1.24 -95.09
C VAL A 121 40.16 2.27 -94.24
N ASP A 122 39.54 3.27 -94.86
CA ASP A 122 38.77 4.25 -94.11
C ASP A 122 37.66 3.57 -93.33
N GLU A 123 36.83 2.79 -94.01
CA GLU A 123 35.68 2.16 -93.36
C GLU A 123 36.12 1.29 -92.19
N GLN A 124 37.09 0.40 -92.43
CA GLN A 124 37.51 -0.50 -91.36
C GLN A 124 38.16 0.27 -90.23
N GLN A 125 38.86 1.37 -90.53
CA GLN A 125 39.38 2.22 -89.47
C GLN A 125 38.27 2.74 -88.58
N LYS A 126 37.21 3.29 -89.18
CA LYS A 126 36.08 3.74 -88.40
C LYS A 126 35.48 2.60 -87.58
N VAL A 127 35.37 1.41 -88.19
CA VAL A 127 34.93 0.24 -87.45
C VAL A 127 35.77 0.05 -86.20
N VAL A 128 37.09 0.16 -86.33
CA VAL A 128 37.98 -0.03 -85.19
C VAL A 128 37.70 1.01 -84.12
N ASP A 129 37.51 2.27 -84.52
CA ASP A 129 37.13 3.30 -83.57
C ASP A 129 35.89 2.89 -82.78
N GLN A 130 34.81 2.56 -83.50
CA GLN A 130 33.58 2.17 -82.83
C GLN A 130 33.78 0.96 -81.93
N ALA A 131 34.68 0.06 -82.30
CA ALA A 131 34.96 -1.10 -81.45
C ALA A 131 35.66 -0.67 -80.17
N GLN A 132 36.54 0.33 -80.27
CA GLN A 132 37.20 0.85 -79.08
C GLN A 132 36.18 1.47 -78.12
N THR A 133 35.33 2.37 -78.64
CA THR A 133 34.31 2.96 -77.78
C THR A 133 33.40 1.90 -77.20
N ASP A 134 33.04 0.89 -78.01
CA ASP A 134 32.26 -0.23 -77.51
C ASP A 134 32.93 -0.88 -76.31
N VAL A 135 34.21 -1.23 -76.45
CA VAL A 135 34.94 -1.83 -75.34
C VAL A 135 34.86 -0.94 -74.11
N ASN A 136 35.15 0.35 -74.27
CA ASN A 136 35.15 1.26 -73.13
C ASN A 136 33.79 1.26 -72.43
N GLN A 137 32.75 1.70 -73.13
CA GLN A 137 31.42 1.79 -72.53
C GLN A 137 31.01 0.46 -71.88
N GLN A 138 31.02 -0.61 -72.67
CA GLN A 138 30.62 -1.91 -72.17
C GLN A 138 31.59 -2.45 -71.12
N GLN A 139 32.64 -1.68 -70.81
CA GLN A 139 33.47 -1.92 -69.64
C GLN A 139 32.94 -1.16 -68.43
N ALA A 140 32.58 0.11 -68.62
CA ALA A 140 31.89 0.84 -67.57
C ALA A 140 30.69 0.05 -67.06
N VAL A 141 29.95 -0.59 -67.98
CA VAL A 141 28.88 -1.48 -67.56
C VAL A 141 29.39 -2.48 -66.53
N VAL A 142 30.50 -3.15 -66.84
CA VAL A 142 31.06 -4.14 -65.93
C VAL A 142 31.36 -3.51 -64.57
N ASP A 143 31.97 -2.32 -64.59
CA ASP A 143 32.22 -1.61 -63.33
C ASP A 143 30.95 -1.48 -62.51
N GLU A 144 29.88 -0.94 -63.12
CA GLU A 144 28.65 -0.72 -62.38
C GLU A 144 28.09 -2.02 -61.82
N LYS A 145 28.04 -3.07 -62.65
CA LYS A 145 27.57 -4.36 -62.15
C LYS A 145 28.41 -4.83 -60.97
N ALA A 146 29.70 -4.53 -60.95
CA ALA A 146 30.53 -4.88 -59.79
C ALA A 146 30.07 -4.12 -58.55
N LYS A 147 29.91 -2.81 -58.67
CA LYS A 147 29.43 -2.03 -57.54
C LYS A 147 28.12 -2.60 -57.00
N GLU A 148 27.18 -2.90 -57.90
CA GLU A 148 25.92 -3.52 -57.49
C GLU A 148 26.17 -4.83 -56.77
N THR A 149 27.14 -5.62 -57.24
CA THR A 149 27.47 -6.85 -56.55
C THR A 149 27.88 -6.57 -55.11
N ASN A 150 28.74 -5.57 -54.90
CA ASN A 150 29.13 -5.22 -53.54
C ASN A 150 27.92 -4.81 -52.70
N ALA A 151 27.03 -3.99 -53.28
CA ALA A 151 25.82 -3.60 -52.57
C ALA A 151 25.04 -4.83 -52.10
N ALA A 152 24.85 -5.80 -53.00
CA ALA A 152 24.08 -6.99 -52.64
C ALA A 152 24.79 -7.80 -51.55
N LYS A 153 26.11 -7.96 -51.66
CA LYS A 153 26.85 -8.70 -50.64
C LYS A 153 26.66 -8.04 -49.27
N VAL A 154 26.93 -6.74 -49.19
CA VAL A 154 26.68 -5.98 -47.96
C VAL A 154 25.28 -6.27 -47.42
N GLN A 155 24.27 -6.00 -48.25
CA GLN A 155 22.89 -6.17 -47.81
C GLN A 155 22.64 -7.57 -47.26
N ASN A 156 23.23 -8.58 -47.88
CA ASN A 156 23.03 -9.95 -47.42
C ASN A 156 23.67 -10.16 -46.05
N GLU A 157 24.94 -9.79 -45.90
CA GLU A 157 25.57 -9.84 -44.58
C GLU A 157 24.67 -9.22 -43.52
N LYS A 158 24.22 -7.98 -43.77
CA LYS A 158 23.38 -7.29 -42.80
C LYS A 158 22.11 -8.07 -42.51
N ASP A 159 21.51 -8.68 -43.53
CA ASP A 159 20.28 -9.44 -43.31
C ASP A 159 20.54 -10.73 -42.53
N GLN A 160 21.75 -11.29 -42.64
CA GLN A 160 22.09 -12.47 -41.86
C GLN A 160 22.23 -12.12 -40.39
N GLN A 161 23.14 -11.19 -40.07
CA GLN A 161 23.30 -10.83 -38.67
C GLN A 161 22.04 -10.18 -38.11
N ALA A 162 21.16 -9.66 -38.98
CA ALA A 162 19.86 -9.21 -38.53
C ALA A 162 18.95 -10.38 -38.18
N VAL A 163 19.01 -11.45 -38.99
CA VAL A 163 18.29 -12.68 -38.65
C VAL A 163 18.69 -13.14 -37.26
N THR A 164 20.00 -13.26 -37.01
CA THR A 164 20.43 -13.64 -35.66
C THR A 164 20.00 -12.62 -34.63
N ALA A 165 19.93 -11.34 -35.00
CA ALA A 165 19.47 -10.31 -34.07
C ALA A 165 18.06 -10.63 -33.58
N ALA A 166 17.11 -10.76 -34.51
CA ALA A 166 15.75 -11.11 -34.12
C ALA A 166 15.71 -12.44 -33.37
N LYS A 167 16.56 -13.38 -33.77
CA LYS A 167 16.60 -14.68 -33.08
C LYS A 167 16.99 -14.51 -31.61
N GLN A 168 17.83 -13.53 -31.30
CA GLN A 168 18.19 -13.28 -29.90
C GLN A 168 17.10 -12.50 -29.18
N GLU A 169 16.54 -11.48 -29.83
CA GLU A 169 15.41 -10.75 -29.25
C GLU A 169 14.31 -11.72 -28.80
N GLN A 170 13.97 -12.67 -29.67
CA GLN A 170 12.96 -13.66 -29.31
C GLN A 170 13.34 -14.40 -28.03
N ALA A 171 14.61 -14.76 -27.89
CA ALA A 171 15.03 -15.51 -26.71
C ALA A 171 14.92 -14.67 -25.45
N LYS A 172 15.53 -13.49 -25.44
CA LYS A 172 15.41 -12.60 -24.29
C LYS A 172 13.95 -12.41 -23.91
N LEU A 173 13.11 -12.03 -24.88
CA LEU A 173 11.71 -11.77 -24.59
C LEU A 173 11.03 -13.01 -24.02
N GLU A 174 11.29 -14.19 -24.59
CA GLU A 174 10.77 -15.43 -24.03
C GLU A 174 11.12 -15.55 -22.56
N GLU A 175 12.42 -15.42 -22.23
CA GLU A 175 12.82 -15.52 -20.83
C GLU A 175 12.09 -14.52 -19.96
N LEU A 176 11.78 -13.34 -20.49
CA LEU A 176 11.00 -12.37 -19.71
C LEU A 176 9.56 -12.84 -19.53
N ALA A 177 9.00 -13.55 -20.52
CA ALA A 177 7.68 -14.15 -20.33
C ALA A 177 7.69 -15.15 -19.20
N LYS A 178 8.70 -16.03 -19.18
CA LYS A 178 8.81 -16.99 -18.08
C LYS A 178 8.96 -16.27 -16.75
N ASN A 179 9.81 -15.24 -16.71
CA ASN A 179 10.00 -14.45 -15.50
C ASN A 179 8.86 -13.48 -15.22
N ALA A 180 7.79 -13.55 -16.02
CA ALA A 180 6.55 -12.86 -15.71
C ALA A 180 5.49 -13.81 -15.16
N GLU A 181 5.33 -14.97 -15.81
CA GLU A 181 4.43 -15.98 -15.25
C GLU A 181 4.93 -16.47 -13.89
N ALA A 182 6.25 -16.44 -13.67
CA ALA A 182 6.79 -16.75 -12.35
C ALA A 182 6.12 -15.89 -11.29
N GLU A 183 6.38 -14.58 -11.37
CA GLU A 183 5.78 -13.64 -10.43
C GLU A 183 4.26 -13.76 -10.42
N LYS A 184 3.66 -14.14 -11.55
CA LYS A 184 2.21 -14.36 -11.57
C LYS A 184 1.82 -15.47 -10.60
N VAL A 185 2.35 -16.68 -10.80
CA VAL A 185 2.01 -17.77 -9.90
C VAL A 185 2.25 -17.35 -8.45
N LYS A 186 3.38 -16.68 -8.19
CA LYS A 186 3.65 -16.19 -6.84
C LYS A 186 2.49 -15.35 -6.32
N ALA A 187 2.06 -14.36 -7.09
CA ALA A 187 1.03 -13.42 -6.63
C ALA A 187 -0.34 -14.07 -6.55
N GLU A 188 -0.60 -15.08 -7.37
CA GLU A 188 -1.89 -15.77 -7.32
C GLU A 188 -1.97 -16.69 -6.11
N LYS A 189 -0.85 -17.33 -5.76
CA LYS A 189 -0.74 -17.99 -4.46
C LYS A 189 -1.07 -17.00 -3.34
N GLU A 190 -0.34 -15.88 -3.30
CA GLU A 190 -0.57 -14.87 -2.28
C GLU A 190 -2.05 -14.51 -2.18
N GLN A 191 -2.63 -14.08 -3.30
CA GLN A 191 -4.03 -13.66 -3.28
C GLN A 191 -4.94 -14.78 -2.79
N ALA A 192 -4.77 -15.97 -3.34
CA ALA A 192 -5.62 -17.10 -2.93
C ALA A 192 -5.54 -17.35 -1.44
N ALA A 193 -4.40 -17.07 -0.82
CA ALA A 193 -4.28 -17.24 0.62
C ALA A 193 -4.94 -16.09 1.38
N LYS A 194 -4.51 -14.85 1.09
CA LYS A 194 -5.05 -13.69 1.78
C LYS A 194 -6.56 -13.63 1.70
N GLU A 195 -7.14 -14.16 0.62
CA GLU A 195 -8.60 -14.27 0.55
C GLU A 195 -9.13 -15.13 1.68
N ALA A 196 -8.50 -16.29 1.90
CA ALA A 196 -8.92 -17.17 2.99
C ALA A 196 -8.73 -16.49 4.33
N GLU A 197 -7.56 -15.89 4.54
CA GLU A 197 -7.29 -15.20 5.80
C GLU A 197 -8.39 -14.17 6.09
N LEU A 198 -8.68 -13.31 5.11
CA LEU A 198 -9.70 -12.29 5.32
C LEU A 198 -11.07 -12.91 5.55
N ALA A 199 -11.36 -14.04 4.89
CA ALA A 199 -12.63 -14.72 5.13
C ALA A 199 -12.75 -15.13 6.59
N ASN A 200 -11.78 -15.88 7.09
CA ASN A 200 -11.84 -16.33 8.48
C ASN A 200 -11.88 -15.15 9.45
N LYS A 201 -11.11 -14.11 9.17
CA LYS A 201 -11.13 -12.93 10.04
C LYS A 201 -12.51 -12.29 10.05
N GLN A 202 -13.19 -12.26 8.90
CA GLN A 202 -14.57 -11.83 8.87
C GLN A 202 -15.43 -12.69 9.79
N LYS A 203 -15.23 -14.01 9.73
CA LYS A 203 -15.96 -14.90 10.61
C LYS A 203 -15.79 -14.50 12.07
N GLU A 204 -14.53 -14.35 12.51
CA GLU A 204 -14.28 -13.96 13.89
C GLU A 204 -14.94 -12.62 14.21
N GLU A 205 -14.94 -11.69 13.25
CA GLU A 205 -15.63 -10.43 13.45
C GLU A 205 -17.10 -10.66 13.76
N ALA A 206 -17.76 -11.52 12.98
CA ALA A 206 -19.16 -11.84 13.25
C ALA A 206 -19.33 -12.43 14.64
N LYS A 207 -18.44 -13.33 15.04
CA LYS A 207 -18.45 -13.84 16.40
C LYS A 207 -18.49 -12.71 17.41
N ALA A 208 -17.43 -11.90 17.41
CA ALA A 208 -17.31 -10.84 18.42
C ALA A 208 -18.50 -9.90 18.39
N LYS A 209 -19.09 -9.67 17.21
CA LYS A 209 -20.27 -8.81 17.14
C LYS A 209 -21.46 -9.45 17.84
N ASP A 210 -21.77 -10.71 17.48
CA ASP A 210 -22.85 -11.42 18.15
C ASP A 210 -22.66 -11.37 19.66
N GLN A 211 -21.48 -11.75 20.14
CA GLN A 211 -21.22 -11.70 21.59
C GLN A 211 -21.47 -10.30 22.15
N LYS A 212 -21.02 -9.27 21.43
CA LYS A 212 -21.22 -7.90 21.90
C LYS A 212 -22.69 -7.61 22.10
N THR A 213 -23.53 -7.96 21.13
CA THR A 213 -24.97 -7.74 21.28
C THR A 213 -25.52 -8.52 22.46
N LYS A 214 -25.06 -9.77 22.63
CA LYS A 214 -25.47 -10.58 23.78
C LYS A 214 -25.20 -9.84 25.08
N ASP A 215 -23.93 -9.49 25.32
CA ASP A 215 -23.54 -8.91 26.60
C ASP A 215 -24.24 -7.56 26.83
N ASP A 216 -24.26 -6.71 25.80
CA ASP A 216 -24.95 -5.43 25.93
C ASP A 216 -26.42 -5.63 26.29
N GLN A 217 -27.08 -6.60 25.66
CA GLN A 217 -28.46 -6.92 26.01
C GLN A 217 -28.57 -7.33 27.47
N ALA A 218 -27.60 -8.12 27.96
CA ALA A 218 -27.58 -8.47 29.38
C ALA A 218 -27.54 -7.22 30.25
N VAL A 219 -26.60 -6.32 29.95
CA VAL A 219 -26.49 -5.06 30.71
C VAL A 219 -27.84 -4.34 30.74
N ALA A 220 -28.52 -4.26 29.59
CA ALA A 220 -29.80 -3.57 29.55
C ALA A 220 -30.84 -4.27 30.44
N ASP A 221 -31.04 -5.57 30.22
CA ASP A 221 -31.94 -6.35 31.07
C ASP A 221 -31.71 -6.06 32.54
N GLN A 222 -30.46 -6.17 33.00
CA GLN A 222 -30.17 -5.91 34.40
C GLN A 222 -30.39 -4.45 34.78
N GLN A 223 -30.31 -3.52 33.84
CA GLN A 223 -30.69 -2.15 34.14
C GLN A 223 -32.17 -2.07 34.49
N THR A 224 -33.02 -2.74 33.71
CA THR A 224 -34.44 -2.75 34.04
C THR A 224 -34.67 -3.44 35.38
N VAL A 225 -33.98 -4.55 35.64
CA VAL A 225 -34.09 -5.22 36.92
C VAL A 225 -33.76 -4.26 38.06
N VAL A 226 -32.66 -3.52 37.93
CA VAL A 226 -32.24 -2.59 38.97
C VAL A 226 -33.32 -1.52 39.17
N THR A 227 -33.88 -1.00 38.09
CA THR A 227 -34.93 0.01 38.23
C THR A 227 -36.13 -0.54 39.00
N THR A 228 -36.64 -1.70 38.57
CA THR A 228 -37.75 -2.33 39.26
C THR A 228 -37.44 -2.49 40.76
N SER A 229 -36.27 -3.01 41.08
CA SER A 229 -35.87 -3.16 42.47
C SER A 229 -35.95 -1.82 43.21
N GLN A 230 -35.38 -0.78 42.62
CA GLN A 230 -35.52 0.58 43.16
C GLN A 230 -36.97 0.85 43.55
N GLU A 231 -37.89 0.65 42.60
CA GLU A 231 -39.30 0.91 42.88
C GLU A 231 -39.81 0.07 44.04
N LYS A 232 -39.33 -1.17 44.16
CA LYS A 232 -39.70 -1.98 45.30
C LYS A 232 -39.20 -1.36 46.60
N VAL A 233 -38.01 -0.76 46.57
CA VAL A 233 -37.47 -0.09 47.76
C VAL A 233 -38.39 1.06 48.16
N THR A 234 -38.86 1.85 47.20
CA THR A 234 -39.76 2.92 47.58
C THR A 234 -41.10 2.37 48.08
N ASP A 235 -41.61 1.31 47.45
CA ASP A 235 -42.84 0.68 47.92
C ASP A 235 -42.73 0.29 49.39
N ALA A 236 -41.67 -0.46 49.73
CA ALA A 236 -41.44 -0.82 51.13
C ALA A 236 -41.32 0.42 52.00
N LYS A 237 -40.35 1.28 51.69
CA LYS A 237 -40.08 2.49 52.46
C LYS A 237 -41.35 3.26 52.79
N ALA A 238 -42.32 3.25 51.87
CA ALA A 238 -43.62 3.87 52.16
C ALA A 238 -44.47 2.98 53.05
N ASP A 239 -44.48 1.67 52.77
CA ASP A 239 -45.29 0.75 53.56
C ASP A 239 -44.94 0.81 55.04
N THR A 240 -43.65 0.94 55.36
CA THR A 240 -43.26 1.05 56.76
C THR A 240 -43.82 2.31 57.39
N ALA A 241 -43.80 3.43 56.66
CA ALA A 241 -44.39 4.65 57.16
C ALA A 241 -45.87 4.45 57.47
N ALA A 242 -46.61 3.82 56.54
CA ALA A 242 -48.02 3.54 56.79
C ALA A 242 -48.19 2.70 58.06
N LYS A 243 -47.40 1.62 58.19
CA LYS A 243 -47.53 0.75 59.35
C LYS A 243 -47.20 1.49 60.64
N GLN A 244 -46.33 2.51 60.57
CA GLN A 244 -45.96 3.26 61.77
C GLN A 244 -47.08 4.22 62.16
N ALA A 245 -47.63 4.95 61.18
CA ALA A 245 -48.82 5.76 61.45
C ALA A 245 -49.91 4.91 62.10
N ASP A 246 -50.21 3.76 61.50
CA ASP A 246 -51.21 2.86 62.08
C ASP A 246 -50.80 2.43 63.49
N LEU A 247 -49.50 2.24 63.73
CA LEU A 247 -49.03 1.89 65.06
C LEU A 247 -49.43 2.97 66.06
N THR A 248 -49.07 4.23 65.78
CA THR A 248 -49.47 5.31 66.67
C THR A 248 -50.98 5.33 66.87
N ALA A 249 -51.75 5.17 65.79
CA ALA A 249 -53.20 5.17 65.90
C ALA A 249 -53.68 4.13 66.91
N LYS A 250 -53.36 2.86 66.66
CA LYS A 250 -53.83 1.79 67.54
C LYS A 250 -53.31 1.97 68.96
N GLU A 251 -52.16 2.63 69.13
CA GLU A 251 -51.70 2.96 70.48
C GLU A 251 -52.66 3.94 71.15
N ASN A 252 -53.01 5.02 70.44
CA ASN A 252 -53.99 5.97 70.99
C ASN A 252 -55.27 5.27 71.39
N ALA A 253 -55.83 4.45 70.49
CA ALA A 253 -57.03 3.69 70.83
C ALA A 253 -56.81 2.84 72.07
N LEU A 254 -55.64 2.22 72.18
CA LEU A 254 -55.35 1.39 73.34
C LEU A 254 -55.42 2.21 74.63
N LYS A 255 -54.80 3.39 74.64
CA LYS A 255 -54.88 4.24 75.83
C LYS A 255 -56.31 4.65 76.13
N ASP A 256 -57.09 4.95 75.09
CA ASP A 256 -58.51 5.24 75.29
C ASP A 256 -59.20 4.12 76.05
N LYS A 257 -59.16 2.91 75.50
CA LYS A 257 -59.79 1.77 76.17
C LYS A 257 -59.23 1.56 77.58
N GLN A 258 -57.95 1.86 77.78
CA GLN A 258 -57.37 1.78 79.13
C GLN A 258 -58.09 2.72 80.10
N ALA A 259 -58.12 4.01 79.78
CA ALA A 259 -58.83 4.96 80.63
C ALA A 259 -60.27 4.50 80.89
N ALA A 260 -60.93 4.00 79.85
CA ALA A 260 -62.29 3.47 80.02
C ALA A 260 -62.32 2.41 81.11
N THR A 261 -61.45 1.39 81.00
CA THR A 261 -61.43 0.33 82.00
C THR A 261 -61.10 0.85 83.39
N LYS A 262 -60.24 1.86 83.50
CA LYS A 262 -59.97 2.46 84.80
C LYS A 262 -61.24 3.04 85.41
N GLN A 263 -61.92 3.90 84.65
CA GLN A 263 -63.17 4.49 85.12
C GLN A 263 -64.15 3.41 85.57
N ALA A 264 -64.44 2.45 84.70
CA ALA A 264 -65.31 1.34 85.09
C ALA A 264 -64.85 0.72 86.40
N GLN A 265 -63.53 0.54 86.56
CA GLN A 265 -63.02 0.02 87.82
C GLN A 265 -63.46 0.88 88.99
N ASN A 266 -63.28 2.19 88.88
CA ASN A 266 -63.69 3.10 89.95
C ASN A 266 -65.18 2.94 90.26
N THR A 267 -66.03 3.08 89.24
CA THR A 267 -67.47 2.96 89.46
C THR A 267 -67.81 1.67 90.18
N LEU A 268 -67.14 0.57 89.81
CA LEU A 268 -67.38 -0.70 90.49
C LEU A 268 -66.98 -0.62 91.95
N ASP A 269 -65.77 -0.13 92.23
CA ASP A 269 -65.28 -0.11 93.61
C ASP A 269 -66.17 0.77 94.49
N ASN A 270 -66.68 1.87 93.95
CA ASN A 270 -67.65 2.68 94.70
C ASN A 270 -68.93 1.91 94.93
N SER A 271 -69.52 1.35 93.86
CA SER A 271 -70.75 0.57 93.99
C SER A 271 -70.58 -0.64 94.91
N LYS A 272 -69.34 -1.02 95.23
CA LYS A 272 -69.04 -2.17 96.06
C LYS A 272 -68.77 -1.82 97.52
N GLU A 273 -67.88 -0.86 97.76
CA GLU A 273 -67.56 -0.49 99.14
C GLU A 273 -68.55 0.52 99.70
N GLU A 274 -69.21 1.30 98.86
CA GLU A 274 -70.35 2.10 99.29
C GLU A 274 -71.62 1.28 99.35
N LEU A 275 -71.52 -0.03 99.12
CA LEU A 275 -72.55 -1.01 99.48
C LEU A 275 -72.24 -1.67 100.81
N LYS A 276 -70.99 -2.09 101.01
CA LYS A 276 -70.58 -2.62 102.32
C LYS A 276 -70.73 -1.59 103.43
N GLY A 277 -71.05 -0.34 103.10
CA GLY A 277 -71.44 0.64 104.09
C GLY A 277 -72.95 0.74 104.24
N HIS A 278 -73.66 -0.29 103.82
CA HIS A 278 -75.12 -0.29 103.92
C HIS A 278 -75.53 -0.44 105.38
N LYS A 279 -76.43 0.42 105.83
CA LYS A 279 -76.91 0.42 107.19
C LYS A 279 -78.26 -0.27 107.32
N GLY A 280 -78.66 -1.04 106.31
CA GLY A 280 -80.02 -1.53 106.22
C GLY A 280 -80.36 -2.56 107.27
N ILE A 281 -81.64 -2.89 107.30
CA ILE A 281 -82.20 -3.87 108.23
C ILE A 281 -82.51 -5.14 107.45
N ASN A 282 -81.68 -6.16 107.62
CA ASN A 282 -81.88 -7.42 106.92
C ASN A 282 -83.07 -8.16 107.49
N LEU A 283 -84.27 -7.92 106.95
CA LEU A 283 -85.43 -8.60 107.48
C LEU A 283 -85.42 -10.08 107.11
N PRO A 284 -86.09 -10.92 107.89
CA PRO A 284 -85.97 -12.37 107.73
C PRO A 284 -87.18 -12.92 107.01
N PRO A 285 -87.39 -14.24 106.94
CA PRO A 285 -88.45 -14.78 106.10
C PRO A 285 -89.82 -14.75 106.80
N LYS A 286 -90.86 -14.84 105.99
CA LYS A 286 -92.24 -14.82 106.46
C LYS A 286 -92.45 -13.80 107.58
N PHE A 287 -91.80 -12.65 107.46
CA PHE A 287 -91.90 -11.58 108.45
C PHE A 287 -93.09 -10.69 108.09
N SER A 288 -94.06 -10.62 108.98
CA SER A 288 -95.25 -9.80 108.78
C SER A 288 -95.31 -8.70 109.84
N ALA A 289 -96.13 -7.68 109.54
CA ALA A 289 -96.34 -6.61 110.50
C ALA A 289 -96.87 -7.15 111.82
N ASP A 290 -97.88 -8.01 111.75
CA ASP A 290 -98.45 -8.67 112.93
C ASP A 290 -98.01 -10.12 113.01
N TYR A 291 -96.70 -10.36 112.93
CA TYR A 291 -96.18 -11.72 112.94
C TYR A 291 -96.35 -12.39 114.29
N ASP A 292 -96.61 -11.61 115.36
CA ASP A 292 -96.83 -12.19 116.68
C ASP A 292 -98.10 -13.01 116.74
N THR A 293 -99.06 -12.76 115.85
CA THR A 293 -100.34 -13.45 115.86
C THR A 293 -100.44 -14.53 114.80
N LYS A 294 -99.97 -14.26 113.58
CA LYS A 294 -100.13 -15.22 112.49
C LYS A 294 -99.25 -16.45 112.69
N LEU A 295 -98.06 -16.26 113.25
CA LEU A 295 -97.10 -17.35 113.43
C LEU A 295 -97.34 -18.00 114.79
N SER A 296 -96.48 -18.97 115.14
CA SER A 296 -96.65 -19.73 116.37
C SER A 296 -95.30 -19.86 117.07
N ALA A 297 -95.32 -20.51 118.24
CA ALA A 297 -94.16 -20.52 119.13
C ALA A 297 -92.88 -20.88 118.40
N GLU A 298 -92.85 -22.04 117.74
CA GLU A 298 -91.63 -22.46 117.06
C GLU A 298 -91.30 -21.51 115.91
N GLU A 299 -92.29 -21.20 115.08
CA GLU A 299 -92.06 -20.28 113.97
C GLU A 299 -91.58 -18.92 114.49
N ILE A 300 -92.16 -18.47 115.60
CA ILE A 300 -91.71 -17.23 116.23
C ILE A 300 -90.23 -17.32 116.59
N ALA A 301 -89.88 -18.31 117.42
CA ALA A 301 -88.51 -18.44 117.89
C ALA A 301 -87.52 -18.50 116.72
N THR A 302 -87.84 -19.29 115.70
CA THR A 302 -86.97 -19.36 114.52
C THR A 302 -86.84 -17.99 113.87
N LEU A 303 -87.96 -17.31 113.66
CA LEU A 303 -87.95 -15.98 113.05
C LEU A 303 -87.03 -15.02 113.81
N GLU A 304 -87.28 -14.85 115.10
CA GLU A 304 -86.51 -13.90 115.91
C GLU A 304 -85.04 -14.31 115.97
N LYS A 305 -84.76 -15.52 116.45
CA LYS A 305 -83.38 -15.97 116.56
C LYS A 305 -82.64 -15.86 115.24
N THR A 306 -83.35 -16.01 114.12
CA THR A 306 -82.74 -15.83 112.81
C THR A 306 -82.39 -14.37 112.57
N ALA A 307 -83.40 -13.48 112.63
CA ALA A 307 -83.15 -12.06 112.42
C ALA A 307 -82.02 -11.54 113.30
N LEU A 308 -81.90 -12.08 114.51
CA LEU A 308 -80.82 -11.66 115.41
C LEU A 308 -79.46 -11.82 114.74
N GLU A 309 -79.16 -13.02 114.26
CA GLU A 309 -77.88 -13.25 113.60
C GLU A 309 -77.81 -12.49 112.28
N MET A 310 -78.89 -12.51 111.50
CA MET A 310 -78.85 -11.96 110.14
C MET A 310 -78.69 -10.44 110.15
N ASN A 311 -79.10 -9.77 111.22
CA ASN A 311 -78.95 -8.32 111.34
C ASN A 311 -77.79 -7.91 112.22
N LYS A 312 -77.06 -8.87 112.80
CA LYS A 312 -75.96 -8.54 113.69
C LYS A 312 -74.82 -7.90 112.91
N ASN A 313 -73.83 -7.40 113.65
CA ASN A 313 -72.72 -6.67 113.04
C ASN A 313 -72.15 -7.42 111.84
N PHE A 314 -71.92 -6.67 110.75
CA PHE A 314 -71.46 -7.23 109.49
C PHE A 314 -70.23 -6.39 109.07
N PRO A 315 -70.13 -5.72 107.88
CA PRO A 315 -68.88 -4.98 107.64
C PRO A 315 -68.92 -3.53 108.11
N THR A 316 -67.97 -2.74 107.62
CA THR A 316 -67.91 -1.30 107.87
C THR A 316 -67.36 -0.63 106.61
N SER A 317 -67.49 0.69 106.56
CA SER A 317 -67.00 1.47 105.42
C SER A 317 -65.92 2.44 105.88
N LYS A 318 -65.04 2.80 104.93
CA LYS A 318 -64.08 3.85 105.20
C LYS A 318 -64.78 5.13 105.63
N GLU A 319 -65.98 5.39 105.09
CA GLU A 319 -66.78 6.50 105.58
C GLU A 319 -67.19 6.27 107.03
N ASP A 320 -67.54 5.03 107.39
CA ASP A 320 -67.86 4.73 108.77
C ASP A 320 -66.64 4.90 109.67
N GLU A 321 -65.51 4.32 109.27
CA GLU A 321 -64.27 4.52 110.01
C GLU A 321 -63.98 6.00 110.20
N LYS A 322 -64.35 6.83 109.22
CA LYS A 322 -64.25 8.27 109.38
C LYS A 322 -65.22 8.78 110.43
N ASN A 323 -66.44 8.22 110.46
CA ASN A 323 -67.46 8.69 111.38
C ASN A 323 -67.13 8.33 112.83
N LYS A 324 -66.35 7.26 113.04
CA LYS A 324 -65.97 6.87 114.40
C LYS A 324 -65.31 8.00 115.16
N ASP A 325 -64.71 8.97 114.46
CA ASP A 325 -63.98 10.05 115.11
C ASP A 325 -64.74 11.37 115.06
N VAL A 326 -66.02 11.36 114.69
CA VAL A 326 -66.83 12.56 114.62
C VAL A 326 -67.74 12.57 115.84
N MET A 327 -67.62 13.62 116.66
CA MET A 327 -68.25 13.66 117.98
C MET A 327 -69.53 14.50 117.95
N TRP A 328 -70.64 13.87 118.31
CA TRP A 328 -71.96 14.51 118.38
C TRP A 328 -72.27 14.85 119.83
N ASP A 329 -72.43 16.15 120.12
CA ASP A 329 -72.79 16.59 121.47
C ASP A 329 -74.31 16.52 121.61
N ILE A 330 -74.78 15.46 122.28
CA ILE A 330 -76.19 15.09 122.20
C ILE A 330 -77.11 16.16 122.76
N GLN A 331 -76.60 17.02 123.63
CA GLN A 331 -77.38 18.11 124.21
C GLN A 331 -76.92 19.47 123.68
N HIS A 332 -76.42 19.50 122.45
CA HIS A 332 -76.05 20.73 121.78
C HIS A 332 -75.79 20.45 120.32
N LEU A 333 -76.77 19.88 119.63
CA LEU A 333 -76.65 19.54 118.22
C LEU A 333 -77.03 20.72 117.34
N SER A 334 -76.46 20.73 116.14
CA SER A 334 -76.81 21.74 115.15
C SER A 334 -77.90 21.19 114.24
N ALA A 335 -78.69 22.11 113.68
CA ALA A 335 -79.87 21.72 112.92
C ALA A 335 -79.54 20.66 111.87
N ASP A 336 -78.46 20.86 111.12
CA ASP A 336 -78.06 19.89 110.11
C ASP A 336 -77.94 18.49 110.69
N GLN A 337 -77.46 18.39 111.93
CA GLN A 337 -77.27 17.08 112.55
C GLN A 337 -78.60 16.51 113.04
N LYS A 338 -79.46 17.36 113.59
CA LYS A 338 -80.80 16.89 113.98
C LYS A 338 -81.51 16.28 112.77
N LYS A 339 -81.57 17.04 111.67
CA LYS A 339 -82.16 16.50 110.46
C LYS A 339 -81.47 15.21 110.04
N GLU A 340 -80.14 15.25 109.92
CA GLU A 340 -79.41 14.05 109.48
C GLU A 340 -79.79 12.84 110.32
N LEU A 341 -79.96 13.01 111.63
CA LEU A 341 -80.38 11.93 112.49
C LEU A 341 -81.77 11.43 112.09
N SER A 342 -82.75 12.35 112.07
CA SER A 342 -84.11 11.96 111.77
C SER A 342 -84.22 11.31 110.40
N VAL A 343 -83.41 11.77 109.44
CA VAL A 343 -83.48 11.25 108.08
C VAL A 343 -82.83 9.89 108.00
N TYR A 344 -81.74 9.68 108.77
CA TYR A 344 -81.13 8.36 108.82
C TYR A 344 -82.10 7.34 109.37
N THR A 345 -82.60 7.58 110.59
CA THR A 345 -83.55 6.65 111.18
C THR A 345 -84.76 6.47 110.27
N THR A 346 -85.31 7.57 109.75
CA THR A 346 -86.53 7.50 108.97
C THR A 346 -86.31 6.72 107.68
N GLU A 347 -85.13 6.85 107.07
CA GLU A 347 -84.79 5.99 105.94
C GLU A 347 -84.80 4.53 106.37
N LEU A 348 -84.07 4.23 107.45
CA LEU A 348 -83.90 2.85 107.87
C LEU A 348 -85.25 2.18 108.12
N LEU A 349 -86.20 2.91 108.69
CA LEU A 349 -87.51 2.34 108.96
C LEU A 349 -88.38 2.34 107.71
N ASN A 350 -88.31 3.41 106.91
CA ASN A 350 -89.07 3.49 105.68
C ASN A 350 -88.72 2.36 104.71
N ASP A 351 -87.53 1.76 104.83
CA ASP A 351 -87.25 0.57 104.04
C ASP A 351 -88.22 -0.54 104.36
N VAL A 352 -88.32 -0.91 105.64
CA VAL A 352 -89.24 -1.96 106.06
C VAL A 352 -90.68 -1.57 105.72
N ARG A 353 -91.02 -0.29 105.90
CA ARG A 353 -92.38 0.15 105.60
C ARG A 353 -92.69 -0.02 104.12
N LYS A 354 -91.74 0.32 103.25
CA LYS A 354 -91.90 0.04 101.83
C LYS A 354 -92.15 -1.45 101.58
N LYS A 355 -91.23 -2.29 102.06
CA LYS A 355 -91.29 -3.72 101.76
C LYS A 355 -92.57 -4.37 102.27
N LEU A 356 -93.30 -3.73 103.16
CA LEU A 356 -94.56 -4.27 103.67
C LEU A 356 -95.76 -3.47 103.22
N GLY A 357 -95.60 -2.58 102.24
CA GLY A 357 -96.71 -1.79 101.76
C GLY A 357 -97.26 -0.78 102.73
N LEU A 358 -96.58 -0.55 103.86
CA LEU A 358 -97.05 0.43 104.82
C LEU A 358 -96.74 1.84 104.36
N SER A 359 -97.43 2.80 104.97
CA SER A 359 -97.28 4.20 104.59
C SER A 359 -95.84 4.65 104.77
N GLN A 360 -95.45 5.68 104.00
CA GLN A 360 -94.10 6.21 104.02
C GLN A 360 -94.01 7.37 105.00
N LEU A 361 -93.03 7.30 105.89
CA LEU A 361 -92.83 8.35 106.89
C LEU A 361 -92.04 9.50 106.30
N SER A 362 -92.22 10.68 106.88
CA SER A 362 -91.56 11.89 106.40
C SER A 362 -90.93 12.63 107.57
N VAL A 363 -89.77 13.23 107.32
CA VAL A 363 -89.09 14.06 108.30
C VAL A 363 -89.41 15.51 107.99
N SER A 364 -90.04 16.20 108.94
CA SER A 364 -90.44 17.59 108.77
C SER A 364 -89.89 18.41 109.93
N ASP A 365 -89.86 19.73 109.71
CA ASP A 365 -89.43 20.63 110.78
C ASP A 365 -90.27 20.43 112.04
N GLN A 366 -91.57 20.22 111.87
CA GLN A 366 -92.45 20.08 113.03
C GLN A 366 -92.14 18.82 113.83
N SER A 367 -91.74 17.74 113.14
CA SER A 367 -91.42 16.50 113.84
C SER A 367 -90.10 16.62 114.58
N ILE A 368 -89.14 17.35 114.00
CA ILE A 368 -87.87 17.59 114.68
C ILE A 368 -88.11 18.45 115.93
N LYS A 369 -88.82 19.57 115.75
CA LYS A 369 -89.11 20.44 116.88
C LYS A 369 -89.85 19.71 117.98
N PHE A 370 -90.97 19.08 117.63
CA PHE A 370 -91.75 18.30 118.58
C PHE A 370 -90.86 17.29 119.31
N ALA A 371 -90.15 16.47 118.54
CA ALA A 371 -89.34 15.41 119.11
C ALA A 371 -88.33 15.95 120.11
N TRP A 372 -87.61 17.01 119.74
CA TRP A 372 -86.60 17.56 120.62
C TRP A 372 -87.20 18.32 121.78
N ASP A 373 -88.44 18.79 121.66
CA ASP A 373 -89.13 19.35 122.80
C ASP A 373 -89.43 18.26 123.83
N ILE A 374 -89.86 17.08 123.36
CA ILE A 374 -90.06 15.96 124.27
C ILE A 374 -88.75 15.57 124.92
N ALA A 375 -87.66 15.51 124.14
CA ALA A 375 -86.36 15.22 124.73
C ALA A 375 -86.02 16.24 125.81
N LYS A 376 -86.21 17.52 125.51
CA LYS A 376 -85.94 18.56 126.48
C LYS A 376 -86.73 18.33 127.77
N TYR A 377 -88.05 18.23 127.67
CA TYR A 377 -88.83 18.10 128.88
C TYR A 377 -88.66 16.74 129.57
N SER A 378 -88.05 15.76 128.91
CA SER A 378 -87.96 14.43 129.50
C SER A 378 -86.90 14.42 130.61
N ASP A 379 -87.29 13.91 131.78
CA ASP A 379 -86.36 13.80 132.90
C ASP A 379 -85.21 12.87 132.53
N THR A 380 -83.99 13.32 132.80
CA THR A 380 -82.83 12.48 132.55
C THR A 380 -82.71 11.35 133.56
N GLY A 381 -83.22 11.55 134.77
CA GLY A 381 -83.15 10.52 135.80
C GLY A 381 -84.23 9.46 135.72
N GLU A 382 -85.25 9.68 134.90
CA GLU A 382 -86.33 8.72 134.72
C GLU A 382 -85.96 7.70 133.65
N TYR A 383 -86.20 6.43 133.95
CA TYR A 383 -85.91 5.35 133.00
C TYR A 383 -87.14 4.93 132.19
N MET A 384 -88.33 5.39 132.58
CA MET A 384 -89.54 5.16 131.81
C MET A 384 -89.85 6.38 130.95
N HIS A 385 -90.96 6.31 130.24
CA HIS A 385 -91.44 7.48 129.49
C HIS A 385 -91.79 8.59 130.47
N ASP A 386 -91.44 9.83 130.11
CA ASP A 386 -91.84 10.99 130.90
C ASP A 386 -93.14 11.51 130.29
N VAL A 387 -94.24 10.87 130.69
CA VAL A 387 -95.54 11.15 130.10
C VAL A 387 -95.85 12.65 130.15
N ILE A 388 -95.71 13.25 131.34
CA ILE A 388 -95.98 14.67 131.47
C ILE A 388 -95.15 15.48 130.49
N ALA A 389 -93.91 15.05 130.23
CA ALA A 389 -93.09 15.73 129.23
C ALA A 389 -93.70 15.57 127.84
N ILE A 390 -94.05 14.33 127.47
CA ILE A 390 -94.60 14.06 126.14
C ILE A 390 -95.82 14.92 125.88
N ASN A 391 -96.75 14.95 126.84
CA ASN A 391 -97.98 15.71 126.64
C ASN A 391 -97.71 17.21 126.72
N LYS A 392 -96.68 17.62 127.47
CA LYS A 392 -96.30 19.02 127.48
C LYS A 392 -95.87 19.46 126.08
N ALA A 393 -94.84 18.82 125.54
CA ALA A 393 -94.39 19.15 124.20
C ALA A 393 -95.52 19.04 123.19
N ALA A 394 -96.34 18.00 123.31
CA ALA A 394 -97.49 17.85 122.42
C ALA A 394 -98.37 19.09 122.46
N LYS A 395 -98.72 19.53 123.68
CA LYS A 395 -99.54 20.73 123.81
C LYS A 395 -98.87 21.93 123.16
N GLU A 396 -97.59 22.13 123.46
CA GLU A 396 -96.90 23.34 122.98
C GLU A 396 -96.80 23.34 121.46
N ASN A 397 -96.65 22.17 120.84
CA ASN A 397 -96.57 22.06 119.40
C ASN A 397 -97.93 21.89 118.74
N GLY A 398 -99.02 22.00 119.50
CA GLY A 398 -100.36 21.86 118.95
C GLY A 398 -100.67 20.44 118.54
N PHE A 399 -100.69 19.53 119.52
CA PHE A 399 -101.00 18.13 119.27
C PHE A 399 -101.93 17.63 120.38
N LYS A 400 -102.73 16.62 120.06
CA LYS A 400 -103.63 16.04 121.03
C LYS A 400 -102.85 15.42 122.18
N GLU A 401 -103.23 15.77 123.40
CA GLU A 401 -102.64 15.17 124.59
C GLU A 401 -103.41 13.93 124.98
N TYR A 402 -102.76 13.09 125.79
CA TYR A 402 -103.37 11.87 126.31
C TYR A 402 -102.91 11.69 127.75
N PRO A 403 -103.44 12.51 128.67
CA PRO A 403 -102.92 12.55 130.04
C PRO A 403 -102.65 11.18 130.64
N GLY A 404 -101.53 11.08 131.36
CA GLY A 404 -101.13 9.83 131.99
C GLY A 404 -100.72 8.73 131.03
N MET A 405 -100.80 8.96 129.73
CA MET A 405 -100.53 7.93 128.73
C MET A 405 -99.57 8.46 127.67
N ASN A 406 -98.89 7.54 127.01
CA ASN A 406 -97.88 7.85 125.99
C ASN A 406 -98.35 7.24 124.67
N TYR A 407 -98.68 8.12 123.72
CA TYR A 407 -99.14 7.72 122.38
C TYR A 407 -98.26 8.36 121.31
N TYR A 408 -96.95 8.40 121.53
CA TYR A 408 -96.07 9.09 120.59
C TYR A 408 -94.70 8.44 120.45
N GLU A 409 -94.06 8.14 121.57
CA GLU A 409 -92.63 7.89 121.63
C GLU A 409 -92.32 6.43 121.95
N ASN A 410 -91.30 5.90 121.27
CA ASN A 410 -90.64 4.66 121.66
C ASN A 410 -89.26 5.03 122.18
N LEU A 411 -88.88 4.47 123.33
CA LEU A 411 -87.69 4.91 124.05
C LEU A 411 -86.61 3.85 124.03
N GLY A 412 -85.36 4.31 124.09
CA GLY A 412 -84.23 3.40 124.20
C GLY A 412 -83.18 3.88 125.18
N GLY A 413 -82.98 3.15 126.27
CA GLY A 413 -82.04 3.52 127.31
C GLY A 413 -80.88 2.55 127.37
N GLY A 414 -79.68 3.09 127.59
CA GLY A 414 -78.49 2.28 127.67
C GLY A 414 -77.91 1.83 126.35
N TYR A 415 -78.50 2.25 125.23
CA TYR A 415 -77.99 1.87 123.91
C TYR A 415 -76.69 2.57 123.58
N TYR A 416 -76.32 3.61 124.31
CA TYR A 416 -75.03 4.27 124.13
C TYR A 416 -74.69 4.99 125.43
N GLU A 417 -73.53 5.65 125.44
CA GLU A 417 -73.05 6.35 126.62
C GLU A 417 -72.38 7.64 126.20
N THR A 418 -72.51 8.67 127.04
CA THR A 418 -71.91 9.96 126.75
C THR A 418 -70.55 10.08 127.43
N GLU A 419 -69.82 11.12 127.03
CA GLU A 419 -68.53 11.43 127.63
C GLU A 419 -68.18 12.85 127.23
N ASN A 420 -68.26 13.77 128.20
CA ASN A 420 -68.26 15.21 127.91
C ASN A 420 -69.50 15.62 127.13
N GLY A 421 -70.55 14.80 127.18
CA GLY A 421 -71.76 15.05 126.43
C GLY A 421 -71.70 14.65 124.98
N LYS A 422 -70.66 13.92 124.56
CA LYS A 422 -70.43 13.61 123.17
C LYS A 422 -70.51 12.11 122.92
N VAL A 423 -70.80 11.76 121.67
CA VAL A 423 -70.91 10.36 121.23
C VAL A 423 -70.49 10.30 119.78
N SER A 424 -69.59 9.38 119.46
CA SER A 424 -69.12 9.22 118.09
C SER A 424 -70.29 8.92 117.16
N LYS A 425 -70.48 9.76 116.14
CA LYS A 425 -71.59 9.65 115.21
C LYS A 425 -71.82 8.20 114.79
N TYR A 426 -70.73 7.48 114.54
CA TYR A 426 -70.86 6.07 114.18
C TYR A 426 -71.56 5.28 115.27
N THR A 427 -71.17 5.50 116.52
CA THR A 427 -71.68 4.68 117.62
C THR A 427 -73.20 4.81 117.76
N LEU A 428 -73.72 6.04 117.75
CA LEU A 428 -75.17 6.21 117.83
C LEU A 428 -75.85 5.84 116.53
N GLN A 429 -75.14 5.93 115.41
CA GLN A 429 -75.72 5.49 114.14
C GLN A 429 -75.94 3.98 114.13
N GLU A 430 -75.10 3.24 114.84
CA GLU A 430 -75.32 1.81 115.02
C GLU A 430 -76.17 1.51 116.24
N SER A 431 -76.31 2.46 117.17
CA SER A 431 -77.16 2.25 118.34
C SER A 431 -78.62 2.39 117.97
N ILE A 432 -78.96 3.37 117.12
CA ILE A 432 -80.31 3.43 116.58
C ILE A 432 -80.63 2.16 115.83
N ARG A 433 -79.64 1.60 115.12
CA ARG A 433 -79.86 0.36 114.40
C ARG A 433 -80.14 -0.78 115.37
N LYS A 434 -79.28 -0.94 116.37
CA LYS A 434 -79.51 -1.99 117.37
C LYS A 434 -80.88 -1.83 118.01
N MET A 435 -81.29 -0.59 118.26
CA MET A 435 -82.55 -0.34 118.93
C MET A 435 -83.73 -0.75 118.05
N LEU A 436 -83.72 -0.31 116.78
CA LEU A 436 -84.74 -0.75 115.84
C LEU A 436 -84.79 -2.28 115.78
N VAL A 437 -83.65 -2.90 115.49
CA VAL A 437 -83.54 -4.35 115.41
C VAL A 437 -84.24 -4.99 116.61
N ASN A 438 -83.72 -4.74 117.82
CA ASN A 438 -84.33 -5.31 119.02
C ASN A 438 -85.81 -4.98 119.10
N MET A 439 -86.22 -3.83 118.58
CA MET A 439 -87.61 -3.39 118.73
C MET A 439 -88.56 -4.18 117.86
N LEU A 440 -88.12 -4.63 116.68
CA LEU A 440 -88.99 -5.38 115.78
C LEU A 440 -88.46 -6.78 115.50
N PHE A 441 -87.63 -7.33 116.40
CA PHE A 441 -87.21 -8.71 116.31
C PHE A 441 -87.06 -9.38 117.68
N ASP A 442 -87.24 -8.64 118.78
CA ASP A 442 -87.13 -9.22 120.11
C ASP A 442 -87.88 -8.35 121.11
N ASP A 443 -89.12 -7.98 120.75
CA ASP A 443 -89.95 -7.14 121.59
C ASP A 443 -91.04 -7.93 122.32
N GLY A 444 -90.87 -9.25 122.44
CA GLY A 444 -91.85 -10.07 123.12
C GLY A 444 -91.89 -9.85 124.62
N ARG A 445 -90.80 -9.35 125.20
CA ARG A 445 -90.78 -9.11 126.64
C ARG A 445 -91.89 -8.17 127.06
N LEU A 446 -92.32 -7.28 126.17
CA LEU A 446 -93.37 -6.31 126.47
C LEU A 446 -94.56 -6.45 125.53
N GLY A 447 -94.71 -7.60 124.88
CA GLY A 447 -95.85 -7.84 124.02
C GLY A 447 -95.78 -7.16 122.67
N TYR A 448 -94.58 -7.09 122.09
CA TYR A 448 -94.39 -6.55 120.74
C TYR A 448 -95.16 -5.23 120.57
N SER A 449 -95.02 -4.36 121.57
CA SER A 449 -95.67 -3.05 121.50
C SER A 449 -94.92 -2.14 120.55
N HIS A 450 -93.59 -2.09 120.68
CA HIS A 450 -92.79 -1.27 119.78
C HIS A 450 -92.92 -1.73 118.34
N LEU A 451 -93.10 -3.03 118.12
CA LEU A 451 -93.33 -3.54 116.78
C LEU A 451 -94.56 -2.87 116.14
N HIS A 452 -95.72 -3.04 116.76
CA HIS A 452 -96.95 -2.50 116.20
C HIS A 452 -96.92 -0.98 116.11
N SER A 453 -96.35 -0.32 117.13
CA SER A 453 -96.27 1.14 117.09
C SER A 453 -95.40 1.62 115.94
N LEU A 454 -94.28 0.94 115.71
CA LEU A 454 -93.39 1.32 114.61
C LEU A 454 -94.01 1.02 113.25
N LEU A 455 -94.82 -0.03 113.15
CA LEU A 455 -95.41 -0.44 111.88
C LEU A 455 -96.86 -0.03 111.73
N GLN A 456 -97.39 0.77 112.65
CA GLN A 456 -98.75 1.29 112.53
C GLN A 456 -98.89 2.04 111.21
N ASP A 457 -99.89 1.64 110.42
CA ASP A 457 -100.00 2.15 109.05
C ASP A 457 -100.31 3.64 109.02
N GLY A 458 -101.18 4.11 109.91
CA GLY A 458 -101.65 5.48 109.84
C GLY A 458 -100.54 6.52 109.95
N LYS A 459 -99.40 6.15 110.52
CA LYS A 459 -98.35 7.13 110.80
C LYS A 459 -97.74 7.66 109.50
N THR A 460 -97.43 8.97 109.50
CA THR A 460 -96.87 9.62 108.31
C THR A 460 -95.75 10.59 108.66
N ALA A 461 -95.18 10.52 109.86
CA ALA A 461 -94.18 11.49 110.28
C ALA A 461 -93.30 10.90 111.37
N LEU A 462 -91.99 11.19 111.28
CA LEU A 462 -90.98 10.69 112.19
C LEU A 462 -90.11 11.83 112.66
N GLY A 463 -89.50 11.67 113.83
CA GLY A 463 -88.56 12.60 114.37
C GLY A 463 -87.80 11.97 115.52
N VAL A 464 -86.49 12.17 115.59
CA VAL A 464 -85.64 11.45 116.54
C VAL A 464 -84.95 12.46 117.46
N SER A 465 -84.94 12.16 118.75
CA SER A 465 -84.37 13.01 119.77
C SER A 465 -83.40 12.21 120.63
N LEU A 466 -82.60 12.94 121.40
CA LEU A 466 -81.58 12.37 122.27
C LEU A 466 -81.55 13.15 123.58
N SER A 467 -81.49 12.43 124.70
CA SER A 467 -81.42 13.08 126.00
C SER A 467 -80.43 12.35 126.88
N GLY A 468 -80.00 13.02 127.94
CA GLY A 468 -79.04 12.45 128.86
C GLY A 468 -78.13 13.52 129.42
N GLU A 469 -77.35 13.12 130.43
CA GLU A 469 -76.43 14.02 131.09
C GLU A 469 -75.04 13.92 130.46
N LYS A 470 -74.22 14.93 130.75
CA LYS A 470 -72.81 14.85 130.39
C LYS A 470 -72.21 13.59 131.01
N ASN A 471 -71.32 12.94 130.27
CA ASN A 471 -70.71 11.66 130.63
C ASN A 471 -71.62 10.80 131.52
N SER A 472 -72.67 10.24 130.92
CA SER A 472 -73.56 9.30 131.59
C SER A 472 -73.61 8.01 130.79
N ILE A 473 -74.06 6.94 131.43
CA ILE A 473 -74.15 5.62 130.81
C ILE A 473 -75.59 5.21 130.55
N SER A 474 -76.57 6.05 130.89
CA SER A 474 -77.97 5.74 130.63
C SER A 474 -78.69 6.88 129.89
N PRO A 475 -78.17 7.30 128.74
CA PRO A 475 -78.91 8.28 127.94
C PRO A 475 -80.01 7.61 127.14
N LYS A 476 -80.93 8.44 126.66
CA LYS A 476 -82.14 7.96 126.01
C LYS A 476 -82.19 8.42 124.56
N ILE A 477 -82.71 7.53 123.71
CA ILE A 477 -83.10 7.86 122.33
C ILE A 477 -84.63 7.88 122.29
N HIS A 478 -85.17 8.94 121.66
CA HIS A 478 -86.61 9.16 121.57
C HIS A 478 -87.02 9.06 120.11
N ILE A 479 -87.76 8.01 119.76
CA ILE A 479 -88.27 7.84 118.41
C ILE A 479 -89.73 8.26 118.42
N ILE A 480 -90.03 9.34 117.72
CA ILE A 480 -91.34 9.98 117.70
C ILE A 480 -91.96 9.72 116.34
N SER A 481 -93.16 9.15 116.32
CA SER A 481 -93.86 8.90 115.08
C SER A 481 -95.34 9.18 115.26
N TYR A 482 -95.98 9.65 114.21
CA TYR A 482 -97.40 10.00 114.28
C TYR A 482 -97.95 10.19 112.88
N GLY A 483 -99.26 10.47 112.80
CA GLY A 483 -99.91 10.82 111.56
C GLY A 483 -100.65 12.14 111.70
N LYS A 484 -101.10 12.67 110.56
CA LYS A 484 -101.77 13.97 110.56
C LYS A 484 -102.97 13.99 111.49
N GLU A 485 -103.61 12.84 111.71
CA GLU A 485 -104.80 12.81 112.56
C GLU A 485 -104.49 13.19 113.99
N LYS A 486 -103.26 12.99 114.45
CA LYS A 486 -102.89 13.24 115.83
C LYS A 486 -102.63 14.71 116.14
N LEU A 487 -102.82 15.61 115.16
CA LEU A 487 -102.72 17.04 115.43
C LEU A 487 -103.97 17.51 116.17
N GLU A 488 -103.95 18.77 116.58
CA GLU A 488 -105.08 19.35 117.32
C GLU A 488 -106.18 19.84 116.39
N ASP A 489 -106.43 19.12 115.30
CA ASP A 489 -107.51 19.39 114.35
C ASP A 489 -107.37 20.74 113.66
N SER A 490 -106.22 21.42 113.80
CA SER A 490 -105.94 22.58 112.98
C SER A 490 -105.40 22.18 111.61
N SER A 491 -104.97 20.93 111.46
CA SER A 491 -104.40 20.43 110.22
C SER A 491 -103.44 21.43 109.61
N GLN A 492 -102.63 22.03 110.47
CA GLN A 492 -101.42 22.73 110.07
C GLN A 492 -100.24 21.79 109.88
N TYR A 493 -100.52 20.57 109.43
CA TYR A 493 -99.50 19.56 109.23
C TYR A 493 -98.45 20.02 108.24
N GLN A 494 -97.18 19.79 108.58
CA GLN A 494 -96.07 20.16 107.72
C GLN A 494 -95.69 18.95 106.88
N ASN A 495 -95.98 19.01 105.58
CA ASN A 495 -95.66 17.90 104.70
C ASN A 495 -94.20 17.49 104.85
N GLY A 496 -93.30 18.46 104.88
CA GLY A 496 -91.90 18.18 105.02
C GLY A 496 -91.31 17.54 103.79
N GLU A 497 -90.75 16.34 103.95
CA GLU A 497 -90.11 15.65 102.84
C GLU A 497 -89.92 14.19 103.21
N VAL A 498 -90.37 13.29 102.33
CA VAL A 498 -90.20 11.86 102.57
C VAL A 498 -88.72 11.50 102.46
N ALA A 499 -88.32 10.53 103.28
CA ALA A 499 -86.94 10.05 103.31
C ALA A 499 -86.91 8.63 102.79
N SER A 500 -86.16 8.39 101.71
CA SER A 500 -86.08 7.10 101.07
C SER A 500 -84.63 6.72 100.85
N MET A 501 -84.29 5.47 101.18
CA MET A 501 -82.95 4.94 101.04
C MET A 501 -82.84 4.18 99.73
N LYS A 502 -81.67 3.62 99.47
CA LYS A 502 -81.44 2.76 98.30
C LYS A 502 -81.48 1.31 98.78
N SER A 503 -82.48 0.57 98.31
CA SER A 503 -82.65 -0.81 98.74
C SER A 503 -81.39 -1.63 98.48
N LYS A 504 -81.07 -2.50 99.42
CA LYS A 504 -79.93 -3.41 99.27
C LYS A 504 -80.02 -4.18 97.96
N GLU A 505 -81.22 -4.66 97.61
CA GLU A 505 -81.41 -5.38 96.36
C GLU A 505 -81.07 -4.50 95.16
N GLU A 506 -81.55 -3.26 95.16
CA GLU A 506 -81.18 -2.32 94.11
C GLU A 506 -79.67 -2.22 93.98
N LEU A 507 -78.96 -2.32 95.11
CA LEU A 507 -77.51 -2.32 95.07
C LEU A 507 -76.94 -3.64 94.56
N GLN A 508 -77.68 -4.74 94.67
CA GLN A 508 -77.33 -5.93 93.89
C GLN A 508 -77.40 -5.62 92.40
N GLN A 509 -78.46 -4.94 91.97
CA GLN A 509 -78.57 -4.56 90.56
C GLN A 509 -77.37 -3.72 90.14
N GLU A 510 -77.06 -2.67 90.90
CA GLU A 510 -75.95 -1.80 90.54
C GLU A 510 -74.63 -2.58 90.50
N ILE A 511 -74.30 -3.28 91.59
CA ILE A 511 -73.03 -4.00 91.66
C ILE A 511 -72.92 -4.98 90.49
N ALA A 512 -73.99 -5.69 90.20
CA ALA A 512 -73.98 -6.69 89.13
C ALA A 512 -73.74 -6.03 87.78
N SER A 513 -74.69 -5.20 87.34
CA SER A 513 -74.58 -4.59 86.01
C SER A 513 -73.26 -3.86 85.86
N ASN A 514 -72.78 -3.22 86.93
CA ASN A 514 -71.51 -2.51 86.87
C ASN A 514 -70.34 -3.47 86.70
N GLN A 515 -70.40 -4.63 87.35
CA GLN A 515 -69.34 -5.62 87.14
C GLN A 515 -69.37 -6.15 85.71
N GLU A 516 -70.56 -6.27 85.11
CA GLU A 516 -70.65 -6.61 83.69
C GLU A 516 -69.97 -5.55 82.84
N LYS A 517 -70.40 -4.29 82.96
CA LYS A 517 -69.74 -3.20 82.25
C LYS A 517 -68.22 -3.28 82.40
N LEU A 518 -67.76 -3.51 83.63
CA LEU A 518 -66.32 -3.69 83.87
C LEU A 518 -65.76 -4.81 83.00
N ALA A 519 -66.48 -5.93 82.91
CA ALA A 519 -65.99 -7.05 82.11
C ALA A 519 -65.91 -6.69 80.63
N THR A 520 -66.96 -6.08 80.09
CA THR A 520 -66.97 -5.72 78.67
C THR A 520 -65.84 -4.77 78.35
N ALA A 521 -65.71 -3.69 79.12
CA ALA A 521 -64.62 -2.74 78.88
C ALA A 521 -63.26 -3.41 79.02
N GLN A 522 -63.14 -4.34 79.98
CA GLN A 522 -61.92 -5.11 80.13
C GLN A 522 -61.57 -5.83 78.82
N GLN A 523 -62.51 -6.65 78.33
CA GLN A 523 -62.29 -7.36 77.07
C GLN A 523 -61.93 -6.40 75.96
N ALA A 524 -62.59 -5.24 75.91
CA ALA A 524 -62.24 -4.23 74.90
C ALA A 524 -60.79 -3.80 75.03
N GLU A 525 -60.30 -3.65 76.28
CA GLU A 525 -58.90 -3.30 76.47
C GLU A 525 -57.99 -4.41 75.96
N SER A 526 -58.31 -5.67 76.30
CA SER A 526 -57.52 -6.78 75.76
C SER A 526 -57.47 -6.73 74.24
N ASP A 527 -58.62 -6.50 73.60
CA ASP A 527 -58.65 -6.41 72.14
C ASP A 527 -57.74 -5.30 71.64
N ALA A 528 -57.86 -4.10 72.23
CA ALA A 528 -57.03 -2.99 71.78
C ALA A 528 -55.54 -3.29 71.96
N GLN A 529 -55.19 -3.98 73.06
CA GLN A 529 -53.77 -4.26 73.32
C GLN A 529 -53.24 -5.30 72.35
N GLN A 530 -54.04 -6.32 72.04
CA GLN A 530 -53.64 -7.26 70.99
C GLN A 530 -53.49 -6.54 69.65
N ALA A 531 -54.39 -5.59 69.37
CA ALA A 531 -54.28 -4.82 68.13
C ALA A 531 -52.97 -4.06 68.07
N ARG A 532 -52.58 -3.42 69.18
CA ARG A 532 -51.29 -2.72 69.19
C ARG A 532 -50.14 -3.71 69.06
N SER A 533 -50.26 -4.88 69.68
CA SER A 533 -49.23 -5.91 69.52
C SER A 533 -49.03 -6.25 68.05
N ALA A 534 -50.12 -6.55 67.35
CA ALA A 534 -50.03 -6.89 65.93
C ALA A 534 -49.51 -5.73 65.10
N SER A 535 -49.96 -4.51 65.42
CA SER A 535 -49.54 -3.35 64.63
C SER A 535 -48.05 -3.06 64.77
N GLN A 536 -47.53 -3.11 66.00
CA GLN A 536 -46.10 -2.90 66.18
C GLN A 536 -45.30 -4.06 65.62
N GLN A 537 -45.85 -5.28 65.68
CA GLN A 537 -45.19 -6.41 65.03
C GLN A 537 -45.04 -6.16 63.54
N ALA A 538 -46.14 -5.79 62.87
CA ALA A 538 -46.08 -5.49 61.44
C ALA A 538 -45.16 -4.31 61.16
N LEU A 539 -45.11 -3.33 62.06
CA LEU A 539 -44.12 -2.26 61.91
C LEU A 539 -42.71 -2.81 61.90
N ASN A 540 -42.43 -3.76 62.80
CA ASN A 540 -41.10 -4.37 62.81
C ASN A 540 -40.82 -5.09 61.50
N THR A 541 -41.69 -6.03 61.12
CA THR A 541 -41.50 -6.77 59.88
C THR A 541 -41.26 -5.84 58.70
N ALA A 542 -42.15 -4.86 58.53
CA ALA A 542 -41.96 -3.87 57.48
C ALA A 542 -40.58 -3.23 57.57
N LYS A 543 -40.17 -2.84 58.77
CA LYS A 543 -38.86 -2.22 58.95
C LYS A 543 -37.75 -3.14 58.48
N THR A 544 -37.93 -4.46 58.60
CA THR A 544 -36.92 -5.38 58.07
C THR A 544 -37.01 -5.45 56.55
N THR A 545 -38.18 -5.82 56.02
CA THR A 545 -38.33 -5.98 54.57
C THR A 545 -37.81 -4.76 53.83
N GLN A 546 -37.91 -3.56 54.42
CA GLN A 546 -37.30 -2.40 53.79
C GLN A 546 -35.79 -2.57 53.65
N ALA A 547 -35.11 -2.88 54.76
CA ALA A 547 -33.66 -3.06 54.72
C ALA A 547 -33.28 -4.18 53.76
N THR A 548 -34.00 -5.30 53.79
CA THR A 548 -33.72 -6.39 52.86
C THR A 548 -33.83 -5.90 51.43
N ALA A 549 -34.92 -5.19 51.11
CA ALA A 549 -35.09 -4.66 49.76
C ALA A 549 -33.92 -3.76 49.36
N GLU A 550 -33.46 -2.91 50.27
CA GLU A 550 -32.30 -2.08 49.97
C GLU A 550 -31.07 -2.92 49.66
N LYS A 551 -30.85 -3.98 50.44
CA LYS A 551 -29.75 -4.90 50.13
C LYS A 551 -29.90 -5.48 48.74
N GLU A 552 -31.06 -6.05 48.44
CA GLU A 552 -31.31 -6.60 47.11
C GLU A 552 -30.98 -5.58 46.02
N LEU A 553 -31.35 -4.32 46.27
CA LEU A 553 -31.03 -3.26 45.31
C LEU A 553 -29.52 -3.14 45.11
N SER A 554 -28.77 -2.98 46.21
CA SER A 554 -27.32 -2.88 46.09
C SER A 554 -26.73 -4.07 45.36
N VAL A 555 -27.19 -5.28 45.68
CA VAL A 555 -26.72 -6.48 44.99
C VAL A 555 -26.96 -6.36 43.50
N HIS A 556 -28.20 -6.07 43.11
CA HIS A 556 -28.50 -5.93 41.69
C HIS A 556 -27.63 -4.88 41.02
N LYS A 557 -27.26 -3.81 41.74
CA LYS A 557 -26.30 -2.85 41.19
C LYS A 557 -24.93 -3.48 41.02
N ALA A 558 -24.57 -4.43 41.89
CA ALA A 558 -23.29 -5.12 41.74
C ALA A 558 -23.30 -6.00 40.49
N THR A 559 -24.28 -6.89 40.35
CA THR A 559 -24.37 -7.69 39.14
C THR A 559 -24.40 -6.78 37.91
N LEU A 560 -25.09 -5.65 38.00
CA LEU A 560 -25.12 -4.69 36.91
C LEU A 560 -23.72 -4.24 36.55
N ALA A 561 -22.99 -3.67 37.52
CA ALA A 561 -21.66 -3.15 37.25
C ALA A 561 -20.75 -4.22 36.66
N ASN A 562 -20.81 -5.44 37.19
CA ASN A 562 -19.98 -6.51 36.65
C ASN A 562 -20.34 -6.77 35.20
N LEU A 563 -21.64 -6.93 34.91
CA LEU A 563 -22.07 -7.10 33.53
C LEU A 563 -21.58 -5.96 32.64
N GLN A 564 -21.44 -4.76 33.20
CA GLN A 564 -20.86 -3.65 32.44
C GLN A 564 -19.41 -3.94 32.11
N ALA A 565 -18.60 -4.27 33.11
CA ALA A 565 -17.20 -4.59 32.86
C ALA A 565 -17.09 -5.65 31.76
N VAL A 566 -17.73 -6.80 31.97
CA VAL A 566 -17.77 -7.86 30.96
C VAL A 566 -18.10 -7.28 29.58
N ALA A 567 -19.20 -6.53 29.50
CA ALA A 567 -19.66 -6.00 28.22
C ALA A 567 -18.59 -5.14 27.56
N THR A 568 -17.94 -4.25 28.32
CA THR A 568 -16.91 -3.40 27.76
C THR A 568 -15.76 -4.23 27.21
N LYS A 569 -15.21 -5.13 28.02
CA LYS A 569 -14.21 -6.06 27.53
C LYS A 569 -14.65 -6.63 26.18
N SER A 570 -15.92 -7.06 26.10
CA SER A 570 -16.43 -7.64 24.86
C SER A 570 -16.38 -6.64 23.71
N THR A 571 -16.78 -5.39 23.96
CA THR A 571 -16.74 -4.37 22.93
C THR A 571 -15.32 -4.20 22.39
N THR A 572 -14.38 -3.83 23.26
CA THR A 572 -13.01 -3.61 22.81
C THR A 572 -12.49 -4.81 22.03
N ASN A 573 -12.79 -6.02 22.50
CA ASN A 573 -12.47 -7.23 21.75
C ASN A 573 -13.00 -7.12 20.32
N TYR A 574 -14.30 -6.91 20.17
CA TYR A 574 -14.89 -6.77 18.84
C TYR A 574 -14.16 -5.72 18.01
N GLU A 575 -13.84 -4.58 18.62
CA GLU A 575 -13.19 -3.50 17.90
C GLU A 575 -11.87 -3.97 17.31
N GLU A 576 -10.98 -4.52 18.15
CA GLU A 576 -9.72 -5.02 17.63
C GLU A 576 -9.95 -6.03 16.51
N LYS A 577 -10.96 -6.89 16.67
CA LYS A 577 -11.30 -7.83 15.59
C LYS A 577 -11.56 -7.10 14.29
N VAL A 578 -12.38 -6.05 14.34
CA VAL A 578 -12.72 -5.30 13.13
C VAL A 578 -11.47 -4.70 12.51
N ARG A 579 -10.58 -4.15 13.34
CA ARG A 579 -9.31 -3.65 12.81
C ARG A 579 -8.56 -4.76 12.07
N GLN A 580 -8.56 -5.96 12.63
CA GLN A 580 -7.83 -7.06 12.01
C GLN A 580 -8.41 -7.39 10.64
N THR A 581 -9.74 -7.40 10.52
CA THR A 581 -10.31 -7.60 9.19
C THR A 581 -9.93 -6.46 8.25
N ALA A 582 -9.89 -5.23 8.77
CA ALA A 582 -9.53 -4.09 7.94
C ALA A 582 -8.14 -4.26 7.32
N THR A 583 -7.13 -4.43 8.17
CA THR A 583 -5.77 -4.63 7.65
C THR A 583 -5.72 -5.85 6.74
N ALA A 584 -6.40 -6.94 7.13
CA ALA A 584 -6.50 -8.12 6.30
C ALA A 584 -7.06 -7.80 4.92
N GLU A 585 -7.82 -6.71 4.79
CA GLU A 585 -8.32 -6.31 3.48
C GLU A 585 -7.36 -5.39 2.75
N LYS A 586 -6.69 -4.49 3.47
CA LYS A 586 -5.69 -3.64 2.83
C LYS A 586 -4.62 -4.49 2.16
N SER A 587 -4.08 -5.47 2.88
CA SER A 587 -3.09 -6.37 2.29
C SER A 587 -3.66 -7.03 1.03
N LEU A 588 -4.86 -7.61 1.14
CA LEU A 588 -5.46 -8.30 0.01
C LEU A 588 -5.52 -7.40 -1.21
N GLN A 589 -6.08 -6.20 -1.05
CA GLN A 589 -6.16 -5.27 -2.18
C GLN A 589 -4.78 -4.98 -2.75
N GLN A 590 -3.78 -4.78 -1.89
CA GLN A 590 -2.42 -4.58 -2.36
C GLN A 590 -2.01 -5.69 -3.33
N THR A 591 -2.22 -6.95 -2.95
CA THR A 591 -1.83 -8.03 -3.86
C THR A 591 -2.70 -8.03 -5.11
N LYS A 592 -4.00 -7.71 -4.98
CA LYS A 592 -4.84 -7.62 -6.17
C LYS A 592 -4.29 -6.64 -7.18
N ASP A 593 -3.71 -5.53 -6.70
CA ASP A 593 -3.08 -4.57 -7.60
C ASP A 593 -1.80 -5.13 -8.21
N GLN A 594 -0.90 -5.64 -7.36
CA GLN A 594 0.32 -6.26 -7.89
C GLN A 594 0.00 -7.27 -8.97
N LEU A 595 -1.06 -8.05 -8.78
CA LEU A 595 -1.42 -9.11 -9.71
C LEU A 595 -2.02 -8.53 -10.99
N ALA A 596 -2.85 -7.49 -10.85
CA ALA A 596 -3.36 -6.81 -12.04
C ALA A 596 -2.22 -6.31 -12.90
N THR A 597 -1.30 -5.55 -12.31
CA THR A 597 -0.19 -5.01 -13.08
C THR A 597 0.67 -6.12 -13.68
N ILE A 598 0.91 -7.19 -12.90
CA ILE A 598 1.62 -8.34 -13.44
C ILE A 598 0.94 -8.83 -14.71
N ASN A 599 -0.41 -8.90 -14.68
CA ASN A 599 -1.13 -9.34 -15.87
C ASN A 599 -1.00 -8.33 -17.02
N GLU A 600 -0.83 -7.05 -16.71
CA GLU A 600 -0.43 -6.10 -17.74
C GLU A 600 0.86 -6.54 -18.40
N LEU A 601 1.89 -6.82 -17.58
CA LEU A 601 3.15 -7.33 -18.11
C LEU A 601 2.94 -8.53 -19.03
N ILE A 602 2.16 -9.51 -18.56
CA ILE A 602 1.93 -10.72 -19.35
C ILE A 602 1.28 -10.37 -20.69
N GLN A 603 0.28 -9.50 -20.67
CA GLN A 603 -0.35 -9.08 -21.92
C GLN A 603 0.68 -8.54 -22.89
N ASN A 604 1.38 -7.47 -22.50
CA ASN A 604 2.33 -6.82 -23.40
C ASN A 604 3.36 -7.83 -23.91
N ARG A 605 4.13 -8.43 -23.01
CA ARG A 605 5.19 -9.34 -23.42
C ARG A 605 4.63 -10.48 -24.27
N ALA A 606 3.38 -10.88 -24.02
CA ALA A 606 2.80 -12.01 -24.74
C ALA A 606 2.52 -11.66 -26.21
N ALA A 607 1.97 -10.47 -26.46
CA ALA A 607 1.74 -10.07 -27.86
C ALA A 607 3.06 -9.75 -28.56
N VAL A 608 3.94 -9.00 -27.88
CA VAL A 608 5.22 -8.65 -28.49
C VAL A 608 6.03 -9.92 -28.76
N LEU A 609 5.80 -10.99 -28.01
CA LEU A 609 6.41 -12.27 -28.32
C LEU A 609 5.99 -12.73 -29.71
N GLU A 610 4.72 -12.55 -30.06
CA GLU A 610 4.25 -12.90 -31.40
C GLU A 610 4.94 -12.04 -32.46
N LYS A 611 4.91 -10.71 -32.28
CA LYS A 611 5.60 -9.88 -33.27
C LYS A 611 7.06 -10.27 -33.39
N ALA A 612 7.66 -10.80 -32.32
CA ALA A 612 9.07 -11.20 -32.37
C ALA A 612 9.25 -12.47 -33.19
N LYS A 613 8.46 -13.51 -32.89
CA LYS A 613 8.54 -14.74 -33.69
C LYS A 613 8.33 -14.43 -35.17
N THR A 614 7.26 -13.71 -35.49
CA THR A 614 7.00 -13.37 -36.88
C THR A 614 8.15 -12.56 -37.46
N ASN A 615 8.77 -11.69 -36.66
CA ASN A 615 9.93 -10.96 -37.14
C ASN A 615 11.07 -11.90 -37.48
N VAL A 616 11.22 -12.98 -36.71
CA VAL A 616 12.24 -13.98 -37.03
C VAL A 616 11.95 -14.61 -38.39
N ALA A 617 10.72 -15.09 -38.57
CA ALA A 617 10.37 -15.70 -39.86
C ALA A 617 10.62 -14.72 -41.01
N GLU A 618 10.10 -13.51 -40.89
CA GLU A 618 10.27 -12.51 -41.94
C GLU A 618 11.74 -12.28 -42.25
N ALA A 619 12.54 -12.04 -41.21
CA ALA A 619 13.96 -11.82 -41.45
C ALA A 619 14.60 -13.01 -42.15
N GLN A 620 14.16 -14.23 -41.82
CA GLN A 620 14.67 -15.41 -42.52
C GLN A 620 14.37 -15.33 -44.01
N ALA A 621 13.10 -15.12 -44.36
CA ALA A 621 12.75 -15.02 -45.78
C ALA A 621 13.54 -13.90 -46.46
N ILE A 622 13.59 -12.72 -45.83
CA ILE A 622 14.35 -11.60 -46.38
C ILE A 622 15.77 -12.03 -46.68
N GLU A 623 16.39 -12.79 -45.78
CA GLU A 623 17.76 -13.26 -46.02
C GLU A 623 17.78 -14.22 -47.21
N GLN A 624 16.74 -15.05 -47.36
CA GLN A 624 16.71 -15.98 -48.48
C GLN A 624 16.65 -15.23 -49.81
N THR A 625 15.76 -14.24 -49.91
CA THR A 625 15.65 -13.49 -51.17
C THR A 625 16.91 -12.66 -51.41
N SER A 626 17.45 -12.03 -50.36
CA SER A 626 18.72 -11.33 -50.49
C SER A 626 19.81 -12.26 -51.03
N ALA A 627 19.81 -13.51 -50.59
CA ALA A 627 20.83 -14.46 -51.01
C ALA A 627 20.64 -14.85 -52.48
N LYS A 628 19.42 -15.21 -52.86
CA LYS A 628 19.15 -15.52 -54.26
C LYS A 628 19.53 -14.36 -55.16
N VAL A 629 19.10 -13.15 -54.80
CA VAL A 629 19.47 -11.95 -55.56
C VAL A 629 20.98 -11.84 -55.67
N LEU A 630 21.69 -12.07 -54.56
CA LEU A 630 23.14 -12.00 -54.58
C LEU A 630 23.71 -12.97 -55.60
N LYS A 631 23.26 -14.22 -55.57
CA LYS A 631 23.70 -15.22 -56.52
C LYS A 631 23.49 -14.74 -57.96
N GLU A 632 22.24 -14.46 -58.31
CA GLU A 632 21.90 -14.08 -59.68
C GLU A 632 22.18 -12.60 -59.97
N LYS A 633 23.04 -11.97 -59.17
CA LYS A 633 23.71 -10.72 -59.52
C LYS A 633 25.20 -10.92 -59.72
N GLN A 634 25.80 -11.77 -58.89
CA GLN A 634 27.13 -12.27 -59.22
C GLN A 634 27.16 -12.80 -60.64
N GLU A 635 26.28 -13.77 -60.94
CA GLU A 635 26.25 -14.36 -62.29
C GLU A 635 26.15 -13.28 -63.36
N ALA A 636 25.29 -12.27 -63.16
CA ALA A 636 25.16 -11.19 -64.12
C ALA A 636 26.49 -10.48 -64.31
N GLN A 637 27.14 -10.10 -63.20
CA GLN A 637 28.47 -9.50 -63.29
C GLN A 637 29.41 -10.36 -64.13
N LYS A 638 29.39 -11.68 -63.89
CA LYS A 638 30.27 -12.58 -64.63
C LYS A 638 29.98 -12.51 -66.12
N ALA A 639 28.71 -12.66 -66.49
CA ALA A 639 28.34 -12.59 -67.90
C ALA A 639 28.82 -11.29 -68.53
N GLU A 640 28.51 -10.16 -67.91
CA GLU A 640 28.97 -8.87 -68.43
C GLU A 640 30.49 -8.87 -68.62
N GLU A 641 31.22 -9.49 -67.70
CA GLU A 641 32.66 -9.62 -67.88
C GLU A 641 32.99 -10.43 -69.11
N ASN A 642 32.24 -11.52 -69.36
CA ASN A 642 32.44 -12.29 -70.58
C ASN A 642 32.20 -11.45 -71.83
N THR A 643 31.15 -10.61 -71.82
CA THR A 643 30.94 -9.70 -72.94
C THR A 643 32.12 -8.75 -73.09
N LEU A 644 32.73 -8.36 -71.97
CA LEU A 644 33.90 -7.48 -72.04
C LEU A 644 35.05 -8.18 -72.75
N ASN A 645 35.39 -9.39 -72.29
CA ASN A 645 36.43 -10.16 -72.97
C ASN A 645 36.13 -10.33 -74.45
N SER A 646 34.87 -10.67 -74.78
CA SER A 646 34.53 -10.91 -76.18
C SER A 646 34.62 -9.64 -77.02
N LEU A 647 34.25 -8.49 -76.44
CA LEU A 647 34.37 -7.24 -77.18
C LEU A 647 35.83 -6.83 -77.34
N LYS A 648 36.70 -7.22 -76.40
CA LYS A 648 38.13 -7.03 -76.60
C LYS A 648 38.63 -7.92 -77.74
N GLU A 649 38.17 -9.17 -77.78
CA GLU A 649 38.41 -10.01 -78.95
C GLU A 649 38.02 -9.27 -80.23
N VAL A 650 36.79 -8.80 -80.29
CA VAL A 650 36.32 -8.07 -81.47
C VAL A 650 37.26 -6.92 -81.80
N LEU A 651 37.68 -6.17 -80.78
CA LEU A 651 38.62 -5.08 -81.00
C LEU A 651 39.86 -5.57 -81.72
N ASP A 652 40.46 -6.64 -81.21
CA ASP A 652 41.68 -7.18 -81.82
C ASP A 652 41.43 -7.63 -83.24
N LEU A 653 40.38 -8.43 -83.47
CA LEU A 653 40.10 -8.93 -84.81
C LEU A 653 39.91 -7.80 -85.80
N ALA A 654 39.14 -6.78 -85.43
CA ALA A 654 38.95 -5.64 -86.31
C ALA A 654 40.26 -4.90 -86.54
N LYS A 655 41.16 -4.91 -85.56
CA LYS A 655 42.47 -4.30 -85.77
C LYS A 655 43.31 -5.11 -86.76
N GLU A 656 43.21 -6.44 -86.71
CA GLU A 656 43.91 -7.26 -87.68
C GLU A 656 43.36 -7.03 -89.08
N ASN A 657 42.03 -6.97 -89.21
CA ASN A 657 41.43 -6.64 -90.49
C ASN A 657 41.93 -5.30 -91.00
N LEU A 658 41.92 -4.28 -90.13
CA LEU A 658 42.46 -2.98 -90.51
C LEU A 658 43.88 -3.11 -91.03
N ASN A 659 44.72 -3.87 -90.32
CA ASN A 659 46.10 -4.07 -90.77
C ASN A 659 46.14 -4.67 -92.16
N GLN A 660 45.38 -5.75 -92.38
CA GLN A 660 45.32 -6.38 -93.69
C GLN A 660 44.98 -5.36 -94.77
N LYS A 661 43.88 -4.63 -94.59
CA LYS A 661 43.47 -3.67 -95.60
C LYS A 661 44.54 -2.60 -95.82
N GLN A 662 45.25 -2.21 -94.76
CA GLN A 662 46.34 -1.24 -94.93
C GLN A 662 47.48 -1.83 -95.76
N VAL A 663 47.77 -3.11 -95.57
CA VAL A 663 48.72 -3.81 -96.43
C VAL A 663 48.28 -3.72 -97.89
N ALA A 664 47.05 -4.16 -98.17
CA ALA A 664 46.53 -4.08 -99.53
C ALA A 664 46.69 -2.66 -100.10
N LEU A 665 46.35 -1.65 -99.30
CA LEU A 665 46.46 -0.28 -99.76
C LEU A 665 47.91 0.08 -100.07
N LYS A 666 48.84 -0.43 -99.26
CA LYS A 666 50.26 -0.18 -99.50
C LYS A 666 50.71 -0.80 -100.81
N THR A 667 50.39 -2.08 -101.05
CA THR A 667 50.82 -2.73 -102.27
C THR A 667 50.20 -2.06 -103.50
N SER A 668 48.93 -1.68 -103.39
CA SER A 668 48.26 -1.07 -104.53
C SER A 668 48.81 0.32 -104.82
N THR A 669 49.12 1.09 -103.77
CA THR A 669 49.66 2.42 -103.96
C THR A 669 51.08 2.37 -104.54
N ARG A 670 51.93 1.50 -103.97
CA ARG A 670 53.29 1.38 -104.48
C ARG A 670 53.31 0.86 -105.92
N SER A 671 52.47 -0.14 -106.22
CA SER A 671 52.37 -0.63 -107.59
C SER A 671 51.90 0.48 -108.53
N LEU A 672 50.84 1.20 -108.13
CA LEU A 672 50.38 2.33 -108.92
C LEU A 672 51.53 3.27 -109.25
N SER A 673 52.29 3.67 -108.23
CA SER A 673 53.43 4.54 -108.47
C SER A 673 54.51 3.85 -109.30
N ARG A 674 54.51 2.52 -109.35
CA ARG A 674 55.41 1.82 -110.25
C ARG A 674 55.02 2.10 -111.70
N LEU A 675 53.73 1.96 -112.03
CA LEU A 675 53.32 2.16 -113.41
C LEU A 675 53.30 3.64 -113.79
N GLU A 676 52.98 4.52 -112.83
CA GLU A 676 53.06 5.96 -113.11
C GLU A 676 54.48 6.41 -113.40
N ASN A 677 55.48 5.60 -113.02
CA ASN A 677 56.88 5.94 -113.29
C ASN A 677 57.47 4.97 -114.30
N ALA A 678 56.83 4.86 -115.46
CA ALA A 678 57.37 4.09 -116.58
C ALA A 678 58.12 4.93 -117.58
N GLN A 679 57.83 6.24 -117.65
CA GLN A 679 58.55 7.14 -118.55
C GLN A 679 59.74 7.77 -117.84
N PRO A 680 59.60 8.24 -116.59
CA PRO A 680 60.80 8.72 -115.87
C PRO A 680 61.84 7.65 -115.66
N THR A 681 61.48 6.37 -115.72
CA THR A 681 62.47 5.29 -115.63
C THR A 681 63.09 5.00 -116.99
N TYR A 682 62.28 4.96 -118.03
CA TYR A 682 62.78 4.60 -119.37
C TYR A 682 63.65 5.73 -119.92
N GLU A 683 63.19 6.97 -119.81
CA GLU A 683 63.89 8.11 -120.38
C GLU A 683 65.17 8.44 -119.63
N LYS A 684 65.23 8.15 -118.33
CA LYS A 684 66.49 8.28 -117.62
C LYS A 684 67.40 7.07 -117.86
N ALA A 685 66.81 5.90 -118.10
CA ALA A 685 67.61 4.73 -118.49
C ALA A 685 68.35 4.99 -119.80
N LEU A 686 67.63 5.48 -120.81
CA LEU A 686 68.27 5.82 -122.07
C LEU A 686 69.17 7.05 -121.92
N ASN A 687 68.64 8.14 -121.38
CA ASN A 687 69.45 9.35 -121.22
C ASN A 687 70.71 9.10 -120.39
N GLU A 688 70.76 8.01 -119.63
CA GLU A 688 72.02 7.57 -119.03
C GLU A 688 72.80 6.68 -119.99
N LEU A 689 72.09 5.87 -120.78
CA LEU A 689 72.76 4.93 -121.70
C LEU A 689 73.53 5.68 -122.78
N ASN A 690 72.85 6.55 -123.52
CA ASN A 690 73.51 7.34 -124.57
C ASN A 690 74.64 8.17 -123.99
N LYS A 691 74.36 8.91 -122.91
CA LYS A 691 75.37 9.79 -122.33
C LYS A 691 76.59 8.99 -121.87
N ALA A 692 76.39 7.73 -121.48
CA ALA A 692 77.52 6.84 -121.23
C ALA A 692 78.08 6.25 -122.53
N GLU A 693 77.32 6.31 -123.62
CA GLU A 693 77.82 5.94 -124.94
C GLU A 693 78.70 7.02 -125.55
N ALA A 694 78.68 8.23 -124.99
CA ALA A 694 79.68 9.23 -125.37
C ALA A 694 81.08 8.76 -124.96
N ALA A 695 81.19 8.23 -123.74
CA ALA A 695 82.46 7.67 -123.28
C ALA A 695 82.96 6.58 -124.23
N VAL A 696 82.05 5.85 -124.87
CA VAL A 696 82.44 4.81 -125.82
C VAL A 696 83.38 5.38 -126.87
N VAL A 697 82.92 6.39 -127.62
CA VAL A 697 83.76 6.98 -128.64
C VAL A 697 84.93 7.73 -128.01
N GLN A 698 84.69 8.42 -126.89
CA GLN A 698 85.75 9.20 -126.26
C GLN A 698 86.98 8.36 -125.97
N ALA A 699 86.79 7.13 -125.51
CA ALA A 699 87.90 6.25 -125.17
C ALA A 699 88.30 5.31 -126.30
N GLN A 700 87.36 4.93 -127.16
CA GLN A 700 87.69 4.09 -128.31
C GLN A 700 88.61 4.82 -129.27
N GLU A 701 88.30 6.09 -129.59
CA GLU A 701 89.20 6.88 -130.42
C GLU A 701 90.58 7.02 -129.80
N ALA A 702 90.68 6.89 -128.47
CA ALA A 702 91.98 6.93 -127.81
C ALA A 702 92.70 5.60 -127.93
N TYR A 703 91.97 4.48 -127.80
CA TYR A 703 92.53 3.18 -128.08
C TYR A 703 93.12 3.13 -129.48
N GLU A 704 92.30 3.45 -130.49
CA GLU A 704 92.75 3.45 -131.87
C GLU A 704 93.90 4.43 -132.08
N ASN A 705 93.72 5.68 -131.66
CA ASN A 705 94.75 6.70 -131.83
C ASN A 705 96.08 6.22 -131.26
N SER A 706 96.10 5.88 -129.97
CA SER A 706 97.35 5.46 -129.33
C SER A 706 97.93 4.23 -130.03
N MET A 707 97.06 3.32 -130.50
CA MET A 707 97.54 2.19 -131.29
C MET A 707 98.35 2.66 -132.49
N LYS A 708 97.79 3.60 -133.26
CA LYS A 708 98.49 4.10 -134.44
C LYS A 708 99.78 4.82 -134.04
N SER A 709 99.72 5.67 -133.02
CA SER A 709 100.89 6.45 -132.60
C SER A 709 101.99 5.57 -132.02
N LEU A 710 101.66 4.35 -131.59
CA LEU A 710 102.66 3.41 -131.07
C LEU A 710 103.25 2.56 -132.19
N GLU A 711 102.39 1.92 -132.99
CA GLU A 711 102.86 1.21 -134.17
C GLU A 711 103.69 2.12 -135.07
N GLU A 712 103.49 3.44 -134.97
CA GLU A 712 104.36 4.39 -135.65
C GLU A 712 105.73 4.43 -134.98
N LEU A 713 105.76 4.56 -133.65
CA LEU A 713 107.03 4.68 -132.94
C LEU A 713 107.88 3.42 -133.05
N LYS A 714 107.28 2.26 -133.30
CA LYS A 714 108.08 1.07 -133.61
C LYS A 714 108.92 1.31 -134.86
N GLU A 715 108.31 1.88 -135.90
CA GLU A 715 109.02 2.14 -137.15
C GLU A 715 109.98 3.33 -137.02
N GLN A 716 109.64 4.32 -136.19
CA GLN A 716 110.56 5.44 -135.97
C GLN A 716 111.75 5.02 -135.13
N GLN A 717 111.59 4.00 -134.29
CA GLN A 717 112.68 3.54 -133.44
C GLN A 717 113.59 2.56 -134.18
N ALA A 718 113.03 1.50 -134.73
CA ALA A 718 113.82 0.45 -135.38
C ALA A 718 114.90 1.02 -136.28
N VAL A 719 114.50 1.86 -137.24
CA VAL A 719 115.47 2.49 -138.14
C VAL A 719 116.60 3.14 -137.36
N ALA A 720 116.27 3.80 -136.24
CA ALA A 720 117.28 4.50 -135.46
C ALA A 720 118.20 3.52 -134.74
N THR A 721 117.66 2.39 -134.28
CA THR A 721 118.52 1.36 -133.69
C THR A 721 119.53 0.86 -134.71
N LEU A 722 119.05 0.51 -135.92
CA LEU A 722 119.98 0.08 -136.94
C LEU A 722 120.93 1.20 -137.37
N ALA A 723 120.56 2.46 -137.11
CA ALA A 723 121.55 3.53 -137.23
C ALA A 723 122.62 3.40 -136.15
N TYR A 724 122.22 3.01 -134.93
CA TYR A 724 123.21 2.69 -133.91
C TYR A 724 124.16 1.61 -134.40
N ALA A 725 123.64 0.62 -135.13
CA ALA A 725 124.53 -0.36 -135.75
C ALA A 725 125.44 0.29 -136.79
N GLN A 726 124.88 1.13 -137.66
CA GLN A 726 125.68 1.87 -138.64
C GLN A 726 126.91 2.49 -137.99
N ALA A 727 126.69 3.43 -137.06
CA ALA A 727 127.81 4.06 -136.36
C ALA A 727 128.68 3.01 -135.69
N GLN A 728 128.08 1.99 -135.08
CA GLN A 728 128.85 0.95 -134.42
C GLN A 728 129.96 0.42 -135.33
N GLU A 729 129.60 -0.04 -136.53
CA GLU A 729 130.63 -0.59 -137.40
C GLU A 729 131.48 0.48 -138.06
N ASP A 730 130.98 1.70 -138.21
CA ASP A 730 131.81 2.78 -138.73
C ASP A 730 132.96 3.12 -137.78
N LEU A 731 132.69 3.13 -136.48
CA LEU A 731 133.76 3.31 -135.49
C LEU A 731 134.89 2.35 -135.74
N SER A 732 134.57 1.07 -135.97
CA SER A 732 135.60 0.08 -136.25
C SER A 732 136.24 0.32 -137.61
N ASN A 733 135.49 0.89 -138.56
CA ASN A 733 136.10 1.25 -139.85
C ASN A 733 137.22 2.26 -139.66
N ALA A 734 136.91 3.39 -139.00
CA ALA A 734 137.92 4.43 -138.79
C ALA A 734 138.94 4.06 -137.71
N LYS A 735 138.69 3.01 -136.94
CA LYS A 735 139.67 2.52 -135.96
C LYS A 735 140.55 1.42 -136.52
N LEU A 736 140.18 0.82 -137.66
CA LEU A 736 141.00 -0.20 -138.30
C LEU A 736 142.06 0.40 -139.22
N GLU A 737 141.83 1.59 -139.76
CA GLU A 737 142.91 2.33 -140.41
C GLU A 737 143.85 2.98 -139.41
N LEU A 738 143.45 3.08 -138.13
CA LEU A 738 144.38 3.49 -137.09
C LEU A 738 145.43 2.41 -136.86
N GLN A 739 145.04 1.14 -136.98
CA GLN A 739 146.02 0.05 -136.97
C GLN A 739 146.85 0.04 -138.24
N GLN A 740 146.35 0.64 -139.32
CA GLN A 740 147.13 0.74 -140.55
C GLN A 740 148.27 1.74 -140.39
N TYR A 741 148.04 2.82 -139.66
CA TYR A 741 149.07 3.83 -139.45
C TYR A 741 149.93 3.53 -138.25
N GLN A 742 149.36 2.90 -137.23
CA GLN A 742 150.19 2.21 -136.24
C GLN A 742 151.16 1.28 -136.94
N GLY A 743 150.66 0.54 -137.94
CA GLY A 743 151.49 -0.43 -138.63
C GLY A 743 152.50 0.20 -139.57
N VAL A 744 152.15 1.33 -140.19
CA VAL A 744 153.11 2.04 -141.04
C VAL A 744 154.17 2.74 -140.20
N LEU A 745 153.74 3.60 -139.28
CA LEU A 745 154.65 4.28 -138.35
C LEU A 745 155.46 3.25 -137.59
N ARG A 746 155.04 1.98 -137.61
CA ARG A 746 155.96 0.91 -137.25
C ARG A 746 157.15 0.91 -138.22
N ASP A 747 156.87 1.04 -139.52
CA ASP A 747 157.93 1.12 -140.53
C ASP A 747 158.77 2.38 -140.38
N LEU A 748 158.44 3.26 -139.42
CA LEU A 748 159.34 4.34 -139.07
C LEU A 748 160.65 3.80 -138.51
N GLU A 749 160.59 2.65 -137.84
CA GLU A 749 161.79 2.01 -137.31
C GLU A 749 162.74 1.57 -138.42
N ALA A 750 162.26 1.46 -139.66
CA ALA A 750 163.17 1.26 -140.78
C ALA A 750 164.20 2.38 -140.83
N GLN A 751 163.77 3.62 -140.64
CA GLN A 751 164.70 4.74 -140.59
C GLN A 751 165.48 4.77 -139.28
N GLN A 752 164.89 4.32 -138.18
CA GLN A 752 165.62 4.30 -136.92
C GLN A 752 166.82 3.36 -137.00
N ALA A 753 166.61 2.15 -137.52
CA ALA A 753 167.72 1.25 -137.76
C ALA A 753 168.64 1.77 -138.86
N GLU A 754 168.08 2.45 -139.86
CA GLU A 754 168.92 3.04 -140.91
C GLU A 754 169.88 4.08 -140.34
N GLN A 755 169.45 4.83 -139.33
CA GLN A 755 170.28 5.88 -138.75
C GLN A 755 171.25 5.32 -137.73
N ARG A 756 170.77 4.44 -136.84
CA ARG A 756 171.68 3.78 -135.91
C ARG A 756 172.77 3.02 -136.65
N ARG A 757 172.43 2.42 -137.79
CA ARG A 757 173.43 1.73 -138.60
C ARG A 757 174.30 2.73 -139.34
N GLN A 758 173.69 3.77 -139.92
CA GLN A 758 174.47 4.75 -140.67
C GLN A 758 175.41 5.53 -139.76
N GLU A 759 174.98 5.84 -138.54
CA GLU A 759 175.85 6.53 -137.59
C GLU A 759 176.79 5.58 -136.86
N ALA A 760 176.90 4.33 -137.33
CA ALA A 760 177.83 3.35 -136.79
C ALA A 760 178.82 2.83 -137.82
N LEU A 761 178.38 2.60 -139.06
CA LEU A 761 179.32 2.51 -140.17
C LEU A 761 180.20 3.75 -140.25
N GLN A 762 179.76 4.85 -139.64
CA GLN A 762 180.43 6.13 -139.68
C GLN A 762 181.37 6.35 -138.50
N GLU A 763 181.23 5.58 -137.42
CA GLU A 763 182.04 5.75 -136.23
C GLU A 763 183.37 5.01 -136.29
N GLN A 764 183.59 4.20 -137.32
CA GLN A 764 184.86 3.50 -137.49
C GLN A 764 185.88 4.47 -138.06
N VAL A 765 186.95 4.72 -137.31
CA VAL A 765 188.01 5.64 -137.72
C VAL A 765 189.33 4.88 -137.75
N ALA A 766 190.05 5.00 -138.86
CA ALA A 766 191.39 4.46 -138.94
C ALA A 766 192.35 5.31 -138.11
N LYS A 767 193.45 4.70 -137.70
CA LYS A 767 194.35 5.31 -136.73
C LYS A 767 195.68 5.70 -137.38
N GLU A 768 196.23 6.83 -136.93
CA GLU A 768 197.47 7.39 -137.46
C GLU A 768 198.46 7.54 -136.31
N GLN A 769 199.69 7.06 -136.52
CA GLN A 769 200.70 6.99 -135.47
C GLN A 769 201.87 7.92 -135.81
N GLN A 770 202.94 7.81 -135.02
CA GLN A 770 204.16 8.57 -135.25
C GLN A 770 204.82 8.12 -136.54
N ARG A 771 205.40 6.92 -136.53
CA ARG A 771 206.03 6.36 -137.71
C ARG A 771 205.65 4.90 -137.89
N ALA B 1 98.15 -6.63 -128.30
CA ALA B 1 98.14 -5.32 -128.92
C ALA B 1 99.41 -5.10 -129.75
N ALA B 2 100.23 -4.12 -129.35
CA ALA B 2 101.50 -3.86 -130.04
C ALA B 2 102.62 -4.79 -129.56
N ALA B 3 102.37 -5.60 -128.53
CA ALA B 3 103.39 -6.54 -128.06
C ALA B 3 103.60 -7.69 -129.02
N ALA B 4 102.64 -7.97 -129.91
CA ALA B 4 102.82 -9.03 -130.89
C ALA B 4 103.94 -8.68 -131.87
N ALA B 5 104.05 -7.40 -132.24
CA ALA B 5 105.14 -6.96 -133.10
C ALA B 5 106.45 -6.76 -132.34
N ALA B 6 106.40 -6.62 -131.01
CA ALA B 6 107.59 -6.52 -130.19
C ALA B 6 108.32 -7.84 -130.01
N ALA B 7 107.63 -8.98 -130.15
CA ALA B 7 108.28 -10.27 -130.03
C ALA B 7 109.41 -10.41 -131.03
N ALA B 8 109.19 -9.97 -132.27
CA ALA B 8 110.25 -10.01 -133.27
C ALA B 8 111.24 -8.86 -133.09
N ALA B 9 110.78 -7.72 -132.60
CA ALA B 9 111.65 -6.57 -132.39
C ALA B 9 112.76 -6.92 -131.40
N ALA C 1 103.21 -6.34 -121.49
CA ALA C 1 102.13 -7.31 -121.65
C ALA C 1 101.09 -7.15 -120.54
N ALA C 2 100.79 -5.90 -120.20
CA ALA C 2 99.75 -5.62 -119.21
C ALA C 2 98.36 -5.53 -119.83
N ALA C 3 98.27 -5.09 -121.09
CA ALA C 3 96.99 -5.17 -121.81
C ALA C 3 96.54 -6.60 -122.00
N ALA C 4 97.48 -7.53 -122.19
CA ALA C 4 97.12 -8.93 -122.40
C ALA C 4 96.39 -9.49 -121.19
N ALA C 5 96.94 -9.27 -119.99
CA ALA C 5 96.30 -9.74 -118.77
C ALA C 5 95.13 -8.86 -118.34
N ALA C 6 95.10 -7.60 -118.77
CA ALA C 6 93.99 -6.70 -118.47
C ALA C 6 92.96 -6.65 -119.59
N ALA C 7 92.99 -7.61 -120.51
CA ALA C 7 92.00 -7.72 -121.57
C ALA C 7 90.74 -8.47 -121.12
N ALA C 8 90.69 -8.91 -119.86
CA ALA C 8 89.53 -9.64 -119.37
C ALA C 8 88.28 -8.77 -119.44
N ALA C 9 87.15 -9.40 -119.75
CA ALA C 9 85.88 -8.70 -119.86
C ALA C 9 85.09 -8.82 -118.57
#